data_8SAI
#
_entry.id   8SAI
#
_cell.length_a   1.00
_cell.length_b   1.00
_cell.length_c   1.00
_cell.angle_alpha   90.00
_cell.angle_beta   90.00
_cell.angle_gamma   90.00
#
_symmetry.space_group_name_H-M   'P 1'
#
loop_
_entity.id
_entity.type
_entity.pdbx_description
1 polymer 'Probable G-protein coupled receptor 34'
2 polymer 'Guanine nucleotide-binding protein G(I)/G(S)/G(O) subunit gamma-2'
3 polymer 'Guanine nucleotide-binding protein G(i) subunit alpha-1'
4 polymer 'Guanine nucleotide-binding protein G(I)/G(S)/G(T) subunit beta-1'
5 polymer scFv16
6 non-polymer O-[(S)-hydroxy{[(2S)-2-hydroxy-3-(octadec-9-enoyloxy)propyl]oxy}phosphoryl]-L-serine
#
loop_
_entity_poly.entity_id
_entity_poly.type
_entity_poly.pdbx_seq_one_letter_code
_entity_poly.pdbx_strand_id
1 'polypeptide(L)'
;MKTIIALSYIFCLVFADYKDDDDKADLEDNWETLNDNLKVIEKADNAAQVKDALTKMRAAALDAQKATPPKLEDKSPDSP
EMKDFRHGFDILVGQIDDALKLANEGKVKEAQAAAEQLKTTRNAYIQKYLSATPNVTTCPMDEKLLSTVLTTSYSVIFIV
GLVGNIIALYVFLGIHRKRNSIQIYLLNVAIADLLLIFCLPFRIMYHINQNKWTLGVILCKVVGTLFYMNMYISIILLGF
ISLDRYIKINRSIQQRKAITTKQSIYVCCIVWMLALGGFLTMIILTLKKGGHNSTMCFHYRDKHNAKGEAIFNFILVVMF
WLIFLLIILSYIKIGKNLLRISKRRSKFPNSGKYATTARNSFIVLIIFTICFVPYHAFRFIYISSQLNVSSCYWKEIVHK
TNEIMLVLSSFNSCLDPVMYFLMSSNIRKIMCQLLFRRFQGEPSRSESTSEFKPGYSLHDTSVAVK
;
A
2 'polypeptide(L)' MASNNTASIAQARKLVEQLKMEANIDRIKVSKAAADLMAYCEAHAKEDPLLTPVPASENPFREKKFFCAIL C
3 'polypeptide(L)'
;MGCTLSAEDKAAVERSKMIDRNLREDGEKAAREVKLLLLGAGESGKSTIVKQMKIIHEAGYSEEECKQYKAVVYSNTIQS
IIAIIRAMGRLKIDFGDSARADDARQLFVLAGAAEEGFMTAELAGVIKRLWKDSGVQACFNRSREYQLNDSAAYYLNDLD
RIAQPNYIPTQQDVLRTRVKTTGIVETHFTFKDLHFKMFDVGGQRSERKKWIHCFEGVTAIIFCVALSDYDLVLAEDEEM
NRMHESMKLFDSICNNKWFTDTSIILFLNKKDLFEEKIKKSPLTICYPEYAGSNTYEEAAAYIQCQFEDLNKRKDTKEIY
THFTCATDTKNVQFVFDAVTDVIIKNNLKDCGLF
;
D
4 'polypeptide(L)'
;MHHHHLEVLFQGPGSSGSELDQLRQEAEQLKNQIRDARKACADATLSQITNNIDPVGRIQMRTRRTLRGHLAKIYAMHWG
TDSRLLVSASQDGKLIIWDSYTTNKVHAIPLRSSWVMTCAYAPSGNYVACGGLDNICSIYNLKTREGNVRVSRELAGHTG
YLSCCRFLDDNQIVTSSGDTTCALWDIETGQQTTTFTGHTGDVMSLSLAPDTRLFVSGACDASAKLWDVREGMCRQTFTG
HESDINAICFFPNGNAFATGSDDATCRLFDLRADQELMTYSHDNIICGITSVSFSKSGRLLLAGYDDFNCNVWDALKADR
AGVLAGHDNRVSCLGVTDDGMAVATGSWDSFLKIWN
;
E
5 'polypeptide(L)'
;DVQLVESGGGLVQPGGSRKLSCSASGFAFSSFGMHWVRQAPEKGLEWVAYISSGSGTIYYADTVKGRFTISRDDPKNTLF
LQMTSLRSEDTAMYYCVRSIYYYGSSPFDFWGQGTTLTVSSGGGGSGGGGSGGGGSDIVMTQATSSVPVTPGESVSISCR
SSKSLLHSNGNTYLYWFLQRPGQSPQLLIYRMSNLASGVPDRFSGSGSGTAFTLTISRLEAEDVGVYYCMQHLEYPLTFG
AGTKLELKAAAENLYFQGHHHHHHHH
;
S
#
# COMPACT_ATOMS: atom_id res chain seq x y z
N MET A 141 -16.36 68.03 2.81
CA MET A 141 -15.92 66.68 2.49
C MET A 141 -14.40 66.60 2.48
N ASP A 142 -13.78 66.95 3.60
CA ASP A 142 -12.33 66.97 3.72
C ASP A 142 -11.86 65.78 4.54
N GLU A 143 -10.84 65.09 4.05
CA GLU A 143 -10.19 63.97 4.75
C GLU A 143 -8.70 64.18 4.66
N LYS A 144 -8.14 64.89 5.65
CA LYS A 144 -6.72 65.23 5.67
C LYS A 144 -6.12 64.79 6.99
N LEU A 145 -4.82 64.48 6.95
CA LEU A 145 -4.07 63.99 8.11
C LEU A 145 -4.55 62.61 8.54
N LEU A 146 -5.42 62.00 7.73
CA LEU A 146 -5.91 60.65 7.99
C LEU A 146 -5.40 59.64 6.97
N SER A 147 -5.11 60.06 5.75
CA SER A 147 -4.56 59.15 4.75
C SER A 147 -3.15 58.72 5.12
N THR A 148 -2.42 59.57 5.86
CA THR A 148 -1.04 59.27 6.20
C THR A 148 -0.94 58.03 7.07
N VAL A 149 -1.81 57.91 8.07
CA VAL A 149 -1.75 56.75 8.97
C VAL A 149 -2.13 55.48 8.21
N LEU A 150 -3.09 55.58 7.30
CA LEU A 150 -3.46 54.43 6.48
C LEU A 150 -2.30 53.99 5.60
N THR A 151 -1.61 54.95 4.97
CA THR A 151 -0.47 54.61 4.13
C THR A 151 0.67 54.00 4.94
N THR A 152 0.93 54.53 6.14
CA THR A 152 1.97 53.96 6.99
C THR A 152 1.62 52.58 7.53
N SER A 153 0.34 52.31 7.78
CA SER A 153 -0.06 51.00 8.26
C SER A 153 -0.01 49.97 7.14
N TYR A 154 -0.67 50.26 6.02
CA TYR A 154 -0.73 49.31 4.91
C TYR A 154 0.64 49.04 4.31
N SER A 155 1.55 50.01 4.31
CA SER A 155 2.88 49.78 3.77
C SER A 155 3.61 48.70 4.56
N VAL A 156 3.53 48.73 5.88
CA VAL A 156 4.15 47.71 6.71
C VAL A 156 3.40 46.39 6.56
N ILE A 157 2.06 46.44 6.58
CA ILE A 157 1.27 45.21 6.53
C ILE A 157 1.52 44.46 5.24
N PHE A 158 1.59 45.15 4.11
CA PHE A 158 1.84 44.50 2.83
C PHE A 158 3.12 43.69 2.86
N ILE A 159 4.23 44.32 3.27
CA ILE A 159 5.52 43.64 3.20
C ILE A 159 5.58 42.49 4.22
N VAL A 160 5.06 42.71 5.43
CA VAL A 160 5.17 41.65 6.44
C VAL A 160 4.28 40.47 6.08
N GLY A 161 3.08 40.74 5.57
CA GLY A 161 2.21 39.66 5.14
C GLY A 161 2.75 38.91 3.94
N LEU A 162 3.37 39.65 2.99
CA LEU A 162 3.99 39.00 1.85
C LEU A 162 5.12 38.08 2.28
N VAL A 163 5.97 38.54 3.20
CA VAL A 163 7.05 37.69 3.71
C VAL A 163 6.48 36.47 4.40
N GLY A 164 5.48 36.66 5.27
CA GLY A 164 4.91 35.55 5.99
C GLY A 164 4.26 34.52 5.08
N ASN A 165 3.55 34.99 4.04
CA ASN A 165 2.86 34.10 3.12
C ASN A 165 3.77 33.46 2.09
N ILE A 166 4.95 34.04 1.83
CA ILE A 166 5.93 33.38 0.99
C ILE A 166 6.71 32.32 1.76
N ILE A 167 7.12 32.65 3.00
CA ILE A 167 7.85 31.68 3.83
C ILE A 167 7.00 30.48 4.20
N ALA A 168 5.70 30.65 4.43
CA ALA A 168 4.83 29.58 4.90
C ALA A 168 4.00 28.95 3.79
N LEU A 169 4.31 29.21 2.53
CA LEU A 169 3.54 28.65 1.43
C LEU A 169 4.07 27.29 1.00
N TYR A 170 5.38 27.18 0.77
CA TYR A 170 5.96 25.93 0.33
C TYR A 170 6.07 24.90 1.46
N VAL A 171 5.79 25.29 2.70
CA VAL A 171 5.89 24.35 3.82
C VAL A 171 4.88 23.21 3.64
N PHE A 172 3.65 23.53 3.24
CA PHE A 172 2.63 22.52 3.06
C PHE A 172 2.80 21.71 1.78
N LEU A 173 3.64 22.16 0.85
CA LEU A 173 3.93 21.41 -0.37
C LEU A 173 5.37 20.96 -0.46
N GLY A 174 6.20 21.24 0.55
CA GLY A 174 7.60 20.88 0.53
C GLY A 174 7.91 19.67 1.38
N ILE A 175 8.40 19.92 2.61
CA ILE A 175 8.79 18.82 3.49
C ILE A 175 7.60 17.92 3.78
N HIS A 176 6.44 18.50 4.05
CA HIS A 176 5.25 17.71 4.33
C HIS A 176 4.82 16.95 3.08
N ARG A 177 4.59 15.65 3.24
CA ARG A 177 4.15 14.78 2.15
C ARG A 177 2.75 14.24 2.38
N LYS A 178 2.51 13.57 3.51
CA LYS A 178 1.20 13.03 3.84
C LYS A 178 0.43 14.12 4.58
N ARG A 179 -0.20 15.00 3.81
CA ARG A 179 -0.92 16.12 4.39
C ARG A 179 -2.17 15.64 5.13
N ASN A 180 -2.42 16.22 6.30
CA ASN A 180 -3.64 15.95 7.05
C ASN A 180 -4.71 16.97 6.68
N SER A 181 -5.89 16.83 7.29
CA SER A 181 -6.96 17.78 7.03
C SER A 181 -6.57 19.19 7.49
N ILE A 182 -5.96 19.29 8.67
CA ILE A 182 -5.59 20.60 9.20
C ILE A 182 -4.58 21.28 8.30
N GLN A 183 -3.61 20.51 7.80
CA GLN A 183 -2.61 21.07 6.89
C GLN A 183 -3.24 21.57 5.61
N ILE A 184 -4.20 20.82 5.06
CA ILE A 184 -4.87 21.25 3.83
C ILE A 184 -5.66 22.53 4.08
N TYR A 185 -6.37 22.60 5.22
CA TYR A 185 -7.13 23.80 5.53
C TYR A 185 -6.21 25.00 5.70
N LEU A 186 -5.07 24.81 6.37
CA LEU A 186 -4.14 25.91 6.55
C LEU A 186 -3.53 26.36 5.23
N LEU A 187 -3.24 25.41 4.34
CA LEU A 187 -2.75 25.77 3.01
C LEU A 187 -3.77 26.58 2.24
N ASN A 188 -5.05 26.18 2.32
CA ASN A 188 -6.10 26.95 1.65
C ASN A 188 -6.26 28.33 2.26
N VAL A 189 -6.10 28.45 3.58
CA VAL A 189 -6.15 29.75 4.24
C VAL A 189 -5.02 30.64 3.74
N ALA A 190 -3.82 30.08 3.62
CA ALA A 190 -2.69 30.84 3.11
C ALA A 190 -2.91 31.26 1.67
N ILE A 191 -3.47 30.37 0.84
CA ILE A 191 -3.76 30.72 -0.55
C ILE A 191 -4.78 31.85 -0.61
N ALA A 192 -5.83 31.78 0.20
CA ALA A 192 -6.84 32.83 0.22
C ALA A 192 -6.27 34.16 0.69
N ASP A 193 -5.40 34.15 1.69
CA ASP A 193 -4.77 35.38 2.17
C ASP A 193 -3.77 35.96 1.19
N LEU A 194 -3.12 35.12 0.38
CA LEU A 194 -2.18 35.63 -0.61
C LEU A 194 -2.88 36.53 -1.62
N LEU A 195 -4.08 36.14 -2.07
CA LEU A 195 -4.83 36.97 -3.00
C LEU A 195 -5.31 38.25 -2.32
N LEU A 196 -5.67 38.18 -1.03
CA LEU A 196 -6.07 39.38 -0.31
C LEU A 196 -4.92 40.37 -0.19
N ILE A 197 -3.68 39.86 -0.03
CA ILE A 197 -2.52 40.73 0.04
C ILE A 197 -2.35 41.54 -1.24
N PHE A 198 -2.63 40.94 -2.40
CA PHE A 198 -2.42 41.63 -3.67
C PHE A 198 -3.35 42.83 -3.84
N CYS A 199 -4.48 42.85 -3.13
CA CYS A 199 -5.40 43.99 -3.24
C CYS A 199 -4.88 45.20 -2.50
N LEU A 200 -3.98 45.00 -1.53
CA LEU A 200 -3.47 46.12 -0.74
C LEU A 200 -2.72 47.15 -1.57
N PRO A 201 -1.77 46.78 -2.45
CA PRO A 201 -1.02 47.82 -3.18
C PRO A 201 -1.89 48.77 -4.00
N PHE A 202 -3.02 48.28 -4.53
CA PHE A 202 -3.91 49.15 -5.30
C PHE A 202 -4.48 50.25 -4.42
N ARG A 203 -4.88 49.91 -3.19
CA ARG A 203 -5.38 50.91 -2.26
C ARG A 203 -4.25 51.82 -1.79
N ILE A 204 -3.05 51.27 -1.63
CA ILE A 204 -1.90 52.08 -1.22
C ILE A 204 -1.60 53.13 -2.27
N MET A 205 -1.59 52.72 -3.55
CA MET A 205 -1.31 53.61 -4.66
C MET A 205 -2.37 54.71 -4.74
N TYR A 206 -3.63 54.34 -4.50
CA TYR A 206 -4.74 55.27 -4.54
C TYR A 206 -4.55 56.39 -3.51
N HIS A 207 -4.23 56.02 -2.27
CA HIS A 207 -4.09 57.02 -1.21
C HIS A 207 -2.84 57.87 -1.39
N ILE A 208 -1.74 57.26 -1.82
CA ILE A 208 -0.43 57.89 -1.71
C ILE A 208 -0.27 59.08 -2.66
N ASN A 209 -0.70 58.95 -3.92
CA ASN A 209 -0.44 60.02 -4.87
C ASN A 209 -1.17 61.30 -4.47
N GLN A 210 -2.50 61.32 -4.66
CA GLN A 210 -3.38 62.20 -3.91
C GLN A 210 -4.83 61.74 -4.05
N ASN A 211 -5.31 60.92 -3.12
CA ASN A 211 -6.73 60.60 -2.89
C ASN A 211 -7.59 60.60 -4.15
N LYS A 212 -7.11 59.97 -5.24
CA LYS A 212 -7.83 59.99 -6.51
C LYS A 212 -7.56 58.70 -7.28
N TRP A 213 -8.55 58.27 -8.05
CA TRP A 213 -8.43 57.10 -8.91
C TRP A 213 -8.18 57.51 -10.36
N THR A 214 -7.41 56.71 -11.09
CA THR A 214 -7.09 57.01 -12.48
C THR A 214 -7.18 55.78 -13.36
N LEU A 215 -7.88 54.73 -12.91
CA LEU A 215 -7.92 53.50 -13.68
C LEU A 215 -9.33 53.02 -14.00
N GLY A 216 -10.37 53.80 -13.73
CA GLY A 216 -11.72 53.39 -14.06
C GLY A 216 -12.41 52.70 -12.89
N VAL A 217 -13.74 52.57 -12.99
CA VAL A 217 -14.52 52.03 -11.90
C VAL A 217 -14.55 50.51 -11.88
N ILE A 218 -14.31 49.86 -13.03
CA ILE A 218 -14.36 48.39 -13.08
C ILE A 218 -13.28 47.79 -12.20
N LEU A 219 -12.07 48.33 -12.29
CA LEU A 219 -10.96 47.81 -11.48
C LEU A 219 -11.24 47.99 -9.99
N CYS A 220 -11.77 49.16 -9.61
CA CYS A 220 -12.09 49.39 -8.20
C CYS A 220 -13.15 48.42 -7.71
N LYS A 221 -14.22 48.26 -8.51
CA LYS A 221 -15.32 47.38 -8.13
C LYS A 221 -14.90 45.92 -8.05
N VAL A 222 -13.95 45.50 -8.86
CA VAL A 222 -13.49 44.12 -8.79
C VAL A 222 -12.47 43.92 -7.66
N VAL A 223 -11.62 44.92 -7.41
CA VAL A 223 -10.65 44.80 -6.33
C VAL A 223 -11.35 44.72 -4.97
N GLY A 224 -12.36 45.58 -4.76
CA GLY A 224 -13.10 45.50 -3.52
C GLY A 224 -13.80 44.16 -3.33
N THR A 225 -14.34 43.62 -4.42
CA THR A 225 -15.04 42.33 -4.34
C THR A 225 -14.07 41.20 -4.00
N LEU A 226 -12.90 41.17 -4.64
CA LEU A 226 -11.90 40.17 -4.26
C LEU A 226 -11.47 40.33 -2.81
N PHE A 227 -11.27 41.57 -2.35
CA PHE A 227 -10.87 41.78 -0.97
C PHE A 227 -11.90 41.19 0.00
N TYR A 228 -13.17 41.56 -0.20
CA TYR A 228 -14.22 41.08 0.71
C TYR A 228 -14.40 39.57 0.62
N MET A 229 -14.38 39.00 -0.59
CA MET A 229 -14.54 37.57 -0.75
C MET A 229 -13.41 36.80 -0.08
N ASN A 230 -12.17 37.28 -0.23
CA ASN A 230 -11.04 36.62 0.41
C ASN A 230 -11.16 36.67 1.92
N MET A 231 -11.55 37.83 2.46
CA MET A 231 -11.72 37.93 3.91
C MET A 231 -12.77 36.95 4.43
N TYR A 232 -13.91 36.88 3.74
CA TYR A 232 -14.98 36.00 4.20
C TYR A 232 -14.61 34.53 4.04
N ILE A 233 -13.90 34.18 2.96
CA ILE A 233 -13.42 32.80 2.79
C ILE A 233 -12.46 32.43 3.90
N SER A 234 -11.57 33.35 4.28
CA SER A 234 -10.66 33.10 5.38
C SER A 234 -11.43 32.86 6.68
N ILE A 235 -12.45 33.67 6.94
CA ILE A 235 -13.24 33.50 8.16
C ILE A 235 -13.92 32.13 8.17
N ILE A 236 -14.53 31.75 7.04
CA ILE A 236 -15.23 30.46 6.97
C ILE A 236 -14.26 29.31 7.17
N LEU A 237 -13.07 29.40 6.55
CA LEU A 237 -12.09 28.34 6.69
C LEU A 237 -11.59 28.24 8.13
N LEU A 238 -11.40 29.37 8.81
CA LEU A 238 -11.02 29.32 10.22
C LEU A 238 -12.09 28.66 11.07
N GLY A 239 -13.36 28.97 10.80
CA GLY A 239 -14.44 28.31 11.51
C GLY A 239 -14.44 26.81 11.30
N PHE A 240 -14.23 26.38 10.05
CA PHE A 240 -14.17 24.95 9.76
C PHE A 240 -12.97 24.30 10.45
N ILE A 241 -11.84 25.02 10.52
CA ILE A 241 -10.66 24.49 11.22
C ILE A 241 -10.99 24.26 12.69
N SER A 242 -11.65 25.22 13.32
CA SER A 242 -12.02 25.06 14.73
C SER A 242 -12.99 23.89 14.90
N LEU A 243 -13.96 23.76 14.00
CA LEU A 243 -14.91 22.66 14.10
C LEU A 243 -14.22 21.31 13.97
N ASP A 244 -13.27 21.20 13.02
CA ASP A 244 -12.52 19.96 12.87
C ASP A 244 -11.66 19.67 14.09
N ARG A 245 -11.02 20.70 14.64
CA ARG A 245 -10.18 20.50 15.82
C ARG A 245 -11.00 20.07 17.03
N TYR A 246 -12.27 20.45 17.09
CA TYR A 246 -13.11 20.06 18.21
C TYR A 246 -13.26 18.55 18.31
N ILE A 247 -13.20 17.83 17.19
CA ILE A 247 -13.51 16.41 17.17
C ILE A 247 -12.31 15.56 17.56
N LYS A 248 -11.14 15.83 16.98
CA LYS A 248 -9.99 14.95 17.18
C LYS A 248 -9.56 14.88 18.64
N ILE A 249 -9.50 16.03 19.31
CA ILE A 249 -9.05 16.04 20.70
C ILE A 249 -10.08 15.41 21.62
N ASN A 250 -11.37 15.63 21.36
CA ASN A 250 -12.44 15.13 22.22
C ASN A 250 -12.85 13.70 21.88
N ARG A 251 -12.24 13.10 20.86
CA ARG A 251 -12.50 11.71 20.51
C ARG A 251 -11.31 10.80 20.75
N SER A 252 -10.11 11.36 20.91
CA SER A 252 -8.88 10.58 21.11
C SER A 252 -8.86 9.85 22.45
N ILE A 253 -9.88 10.00 23.28
CA ILE A 253 -9.91 9.31 24.56
C ILE A 253 -9.94 7.80 24.35
N GLN A 254 -10.76 7.34 23.40
CA GLN A 254 -10.87 5.90 23.16
C GLN A 254 -9.73 5.39 22.27
N GLN A 255 -9.67 5.86 21.03
CA GLN A 255 -8.72 5.37 20.05
C GLN A 255 -8.41 6.49 19.06
N ARG A 256 -7.70 6.14 17.99
CA ARG A 256 -7.39 7.08 16.91
C ARG A 256 -8.57 7.18 15.96
N LYS A 257 -8.36 7.79 14.80
CA LYS A 257 -9.44 8.02 13.85
C LYS A 257 -9.08 7.30 12.54
N ALA A 258 -9.87 7.53 11.50
CA ALA A 258 -9.84 6.74 10.28
C ALA A 258 -9.44 7.60 9.08
N ILE A 259 -9.58 7.01 7.89
CA ILE A 259 -9.18 7.60 6.61
C ILE A 259 -10.09 8.77 6.24
N THR A 260 -11.01 9.12 7.14
CA THR A 260 -12.03 10.14 6.85
C THR A 260 -11.46 11.48 6.40
N THR A 261 -10.14 11.65 6.41
CA THR A 261 -9.54 12.90 5.99
C THR A 261 -9.57 13.03 4.47
N LYS A 262 -10.78 13.01 3.90
CA LYS A 262 -10.99 13.18 2.47
C LYS A 262 -12.07 14.21 2.22
N GLN A 263 -12.97 14.38 3.18
CA GLN A 263 -14.06 15.34 3.05
C GLN A 263 -13.54 16.78 2.98
N SER A 264 -12.32 17.01 3.46
CA SER A 264 -11.75 18.36 3.42
C SER A 264 -11.63 18.88 2.00
N ILE A 265 -11.19 18.02 1.07
CA ILE A 265 -11.06 18.44 -0.32
C ILE A 265 -12.43 18.81 -0.89
N TYR A 266 -13.45 18.02 -0.61
CA TYR A 266 -14.80 18.31 -1.10
C TYR A 266 -15.31 19.64 -0.54
N VAL A 267 -15.10 19.87 0.76
CA VAL A 267 -15.57 21.10 1.38
C VAL A 267 -14.85 22.30 0.77
N CYS A 268 -13.53 22.19 0.60
CA CYS A 268 -12.77 23.29 0.02
C CYS A 268 -13.22 23.57 -1.42
N CYS A 269 -13.42 22.53 -2.21
CA CYS A 269 -13.86 22.72 -3.59
C CYS A 269 -15.22 23.39 -3.66
N ILE A 270 -16.17 22.93 -2.83
CA ILE A 270 -17.51 23.49 -2.89
C ILE A 270 -17.52 24.94 -2.40
N VAL A 271 -16.73 25.25 -1.36
CA VAL A 271 -16.71 26.61 -0.86
C VAL A 271 -16.03 27.54 -1.86
N TRP A 272 -14.99 27.06 -2.54
CA TRP A 272 -14.35 27.88 -3.57
C TRP A 272 -15.29 28.12 -4.74
N MET A 273 -16.03 27.10 -5.16
CA MET A 273 -16.99 27.26 -6.24
C MET A 273 -18.08 28.25 -5.86
N LEU A 274 -18.59 28.16 -4.63
CA LEU A 274 -19.62 29.09 -4.18
C LEU A 274 -19.09 30.52 -4.12
N ALA A 275 -17.85 30.69 -3.64
CA ALA A 275 -17.25 32.01 -3.58
C ALA A 275 -17.09 32.61 -4.99
N LEU A 276 -16.63 31.79 -5.93
CA LEU A 276 -16.47 32.27 -7.30
C LEU A 276 -17.82 32.64 -7.90
N GLY A 277 -18.85 31.82 -7.65
CA GLY A 277 -20.17 32.14 -8.15
C GLY A 277 -20.72 33.43 -7.58
N GLY A 278 -20.55 33.64 -6.27
CA GLY A 278 -20.98 34.89 -5.68
C GLY A 278 -20.23 36.09 -6.21
N PHE A 279 -18.91 35.92 -6.42
CA PHE A 279 -18.10 36.99 -7.00
C PHE A 279 -18.61 37.37 -8.39
N LEU A 280 -18.83 36.36 -9.25
CA LEU A 280 -19.32 36.63 -10.60
C LEU A 280 -20.70 37.28 -10.57
N THR A 281 -21.59 36.79 -9.70
CA THR A 281 -22.92 37.37 -9.61
C THR A 281 -22.87 38.82 -9.17
N MET A 282 -22.02 39.12 -8.18
CA MET A 282 -21.90 40.51 -7.71
C MET A 282 -21.35 41.42 -8.80
N ILE A 283 -20.32 40.96 -9.52
CA ILE A 283 -19.76 41.79 -10.59
C ILE A 283 -20.79 42.02 -11.69
N ILE A 284 -21.55 40.98 -12.06
CA ILE A 284 -22.58 41.14 -13.07
C ILE A 284 -23.65 42.12 -12.61
N LEU A 285 -24.06 42.02 -11.34
CA LEU A 285 -25.15 42.85 -10.85
C LEU A 285 -24.73 44.31 -10.73
N THR A 286 -23.52 44.57 -10.24
CA THR A 286 -23.13 45.95 -9.96
C THR A 286 -22.95 46.75 -11.24
N LEU A 287 -22.52 46.11 -12.33
CA LEU A 287 -22.27 46.82 -13.57
C LEU A 287 -23.55 47.09 -14.35
N LYS A 288 -24.65 46.43 -14.02
CA LYS A 288 -25.89 46.64 -14.75
C LYS A 288 -26.41 48.06 -14.57
N LYS A 289 -26.39 48.56 -13.33
CA LYS A 289 -26.93 49.89 -13.06
C LYS A 289 -26.09 50.98 -13.73
N GLY A 290 -24.77 50.87 -13.66
CA GLY A 290 -23.93 51.92 -14.21
C GLY A 290 -24.07 53.22 -13.45
N GLY A 291 -23.89 54.33 -14.16
CA GLY A 291 -24.02 55.64 -13.56
C GLY A 291 -22.97 55.93 -12.51
N HIS A 292 -21.71 55.63 -12.81
CA HIS A 292 -20.61 55.84 -11.89
C HIS A 292 -19.56 56.74 -12.52
N ASN A 293 -18.83 57.46 -11.68
CA ASN A 293 -17.78 58.36 -12.11
C ASN A 293 -16.42 57.81 -11.69
N SER A 294 -15.41 58.01 -12.53
CA SER A 294 -14.07 57.47 -12.28
C SER A 294 -13.26 58.40 -11.39
N THR A 295 -13.85 58.81 -10.26
CA THR A 295 -13.13 59.57 -9.24
C THR A 295 -13.42 58.96 -7.87
N MET A 296 -14.56 58.28 -7.75
CA MET A 296 -15.00 57.66 -6.51
C MET A 296 -14.52 56.22 -6.47
N CYS A 297 -13.61 55.91 -5.54
CA CYS A 297 -12.99 54.59 -5.47
C CYS A 297 -12.43 54.40 -4.06
N PHE A 298 -12.81 53.33 -3.40
CA PHE A 298 -12.64 53.16 -1.95
C PHE A 298 -13.07 54.42 -1.21
N HIS A 299 -14.36 54.74 -1.33
CA HIS A 299 -14.94 55.88 -0.63
C HIS A 299 -16.37 55.55 -0.27
N TYR A 300 -16.91 56.30 0.71
CA TYR A 300 -18.26 56.10 1.21
C TYR A 300 -19.29 56.35 0.12
N ARG A 301 -20.10 55.36 -0.25
CA ARG A 301 -21.07 55.50 -1.36
C ARG A 301 -22.32 56.08 -0.89
N ASP A 302 -22.87 56.98 -1.70
CA ASP A 302 -23.87 57.97 -1.30
C ASP A 302 -24.95 57.36 -0.43
N LYS A 303 -25.71 56.43 -0.99
CA LYS A 303 -26.84 55.84 -0.28
C LYS A 303 -27.20 54.52 -0.94
N HIS A 304 -28.32 53.93 -0.53
CA HIS A 304 -28.82 52.67 -1.05
C HIS A 304 -30.29 52.79 -1.41
N ASN A 305 -30.64 53.86 -2.15
CA ASN A 305 -31.99 53.97 -2.67
C ASN A 305 -32.30 52.83 -3.64
N ALA A 306 -31.33 52.45 -4.46
CA ALA A 306 -31.43 51.26 -5.30
C ALA A 306 -31.04 50.04 -4.45
N LYS A 307 -31.99 49.60 -3.63
CA LYS A 307 -31.75 48.50 -2.72
C LYS A 307 -31.46 47.21 -3.48
N GLY A 308 -30.59 46.38 -2.90
CA GLY A 308 -30.17 45.15 -3.54
C GLY A 308 -28.72 44.82 -3.28
N GLU A 309 -27.92 45.85 -2.98
CA GLU A 309 -26.53 45.68 -2.60
C GLU A 309 -26.33 45.69 -1.09
N ALA A 310 -27.08 46.52 -0.36
CA ALA A 310 -27.01 46.54 1.09
C ALA A 310 -27.77 45.40 1.74
N ILE A 311 -28.68 44.76 1.02
CA ILE A 311 -29.39 43.61 1.57
C ILE A 311 -28.54 42.34 1.50
N PHE A 312 -27.64 42.25 0.51
CA PHE A 312 -26.73 41.11 0.46
C PHE A 312 -25.66 41.22 1.53
N ASN A 313 -25.26 42.44 1.90
CA ASN A 313 -24.27 42.62 2.96
C ASN A 313 -24.84 42.31 4.34
N PHE A 314 -26.16 42.34 4.49
CA PHE A 314 -26.80 41.99 5.76
C PHE A 314 -26.81 40.50 6.02
N ILE A 315 -26.53 39.67 5.02
CA ILE A 315 -26.46 38.23 5.19
C ILE A 315 -25.09 37.78 5.67
N LEU A 316 -24.02 38.37 5.12
CA LEU A 316 -22.67 38.02 5.52
C LEU A 316 -22.34 38.46 6.94
N VAL A 317 -23.14 39.33 7.55
CA VAL A 317 -22.94 39.74 8.93
C VAL A 317 -23.59 38.78 9.91
N VAL A 318 -24.74 38.20 9.57
CA VAL A 318 -25.40 37.20 10.38
C VAL A 318 -24.63 35.89 10.36
N MET A 319 -23.86 35.64 9.29
CA MET A 319 -23.02 34.45 9.21
C MET A 319 -21.83 34.48 10.17
N PHE A 320 -21.27 35.66 10.43
CA PHE A 320 -20.16 35.80 11.36
C PHE A 320 -20.58 35.68 12.81
N TRP A 321 -21.86 35.86 13.12
CA TRP A 321 -22.36 35.74 14.48
C TRP A 321 -22.77 34.31 14.81
N LEU A 322 -22.61 33.38 13.87
CA LEU A 322 -22.83 31.96 14.10
C LEU A 322 -21.53 31.17 14.07
N ILE A 323 -20.59 31.56 13.21
CA ILE A 323 -19.27 30.91 13.20
C ILE A 323 -18.49 31.26 14.45
N PHE A 324 -18.61 32.52 14.91
CA PHE A 324 -17.88 32.95 16.09
C PHE A 324 -18.33 32.19 17.33
N LEU A 325 -19.64 31.97 17.47
CA LEU A 325 -20.14 31.22 18.61
C LEU A 325 -19.62 29.78 18.59
N LEU A 326 -19.62 29.15 17.42
CA LEU A 326 -19.07 27.80 17.31
C LEU A 326 -17.60 27.78 17.67
N ILE A 327 -16.84 28.76 17.19
CA ILE A 327 -15.40 28.80 17.47
C ILE A 327 -15.14 28.94 18.95
N ILE A 328 -15.85 29.88 19.62
CA ILE A 328 -15.60 30.10 21.04
C ILE A 328 -16.02 28.89 21.86
N LEU A 329 -17.17 28.28 21.54
CA LEU A 329 -17.60 27.09 22.27
C LEU A 329 -16.60 25.95 22.09
N SER A 330 -16.16 25.73 20.85
CA SER A 330 -15.21 24.65 20.58
C SER A 330 -13.91 24.85 21.34
N TYR A 331 -13.36 26.07 21.29
CA TYR A 331 -12.06 26.30 21.91
C TYR A 331 -12.17 26.25 23.43
N ILE A 332 -13.26 26.78 24.00
CA ILE A 332 -13.44 26.71 25.45
C ILE A 332 -13.58 25.25 25.88
N LYS A 333 -14.35 24.46 25.14
CA LYS A 333 -14.52 23.04 25.50
C LYS A 333 -13.19 22.30 25.40
N ILE A 334 -12.41 22.54 24.34
CA ILE A 334 -11.13 21.88 24.19
C ILE A 334 -10.20 22.25 25.34
N GLY A 335 -10.13 23.54 25.67
CA GLY A 335 -9.27 23.97 26.75
C GLY A 335 -9.65 23.37 28.09
N LYS A 336 -10.95 23.36 28.39
CA LYS A 336 -11.41 22.79 29.66
C LYS A 336 -11.14 21.29 29.72
N ASN A 337 -11.42 20.57 28.64
CA ASN A 337 -11.19 19.13 28.63
C ASN A 337 -9.71 18.81 28.79
N LEU A 338 -8.84 19.54 28.09
CA LEU A 338 -7.41 19.27 28.19
C LEU A 338 -6.86 19.67 29.56
N LEU A 339 -7.38 20.74 30.15
CA LEU A 339 -6.96 21.12 31.50
C LEU A 339 -7.38 20.06 32.51
N ARG A 340 -8.59 19.51 32.37
CA ARG A 340 -9.02 18.45 33.27
C ARG A 340 -8.20 17.18 33.05
N ILE A 341 -7.82 16.90 31.81
CA ILE A 341 -6.93 15.77 31.55
C ILE A 341 -5.59 15.98 32.23
N SER A 342 -5.05 17.20 32.18
CA SER A 342 -3.78 17.48 32.83
C SER A 342 -3.86 17.28 34.34
N LYS A 343 -5.04 17.41 34.92
CA LYS A 343 -5.24 17.17 36.34
C LYS A 343 -5.47 15.67 36.54
N ARG A 344 -5.85 15.27 37.75
CA ARG A 344 -6.20 13.89 38.10
C ARG A 344 -4.95 12.99 38.12
N ARG A 345 -3.81 13.53 37.69
CA ARG A 345 -2.56 12.80 37.72
C ARG A 345 -1.43 13.76 38.13
N SER A 346 -0.55 13.27 39.00
CA SER A 346 0.58 14.07 39.45
C SER A 346 1.88 13.27 39.59
N LYS A 347 1.88 11.99 39.22
CA LYS A 347 3.09 11.19 39.35
C LYS A 347 4.16 11.63 38.35
N PHE A 348 3.85 11.52 37.06
CA PHE A 348 4.77 11.98 36.04
C PHE A 348 4.76 13.50 35.95
N PRO A 349 5.93 14.12 35.63
CA PRO A 349 6.00 15.57 35.44
C PRO A 349 5.42 16.03 34.11
N ASN A 350 4.16 15.68 33.86
CA ASN A 350 3.50 16.01 32.60
C ASN A 350 3.22 17.51 32.54
N SER A 351 4.02 18.23 31.76
CA SER A 351 3.83 19.66 31.57
C SER A 351 3.42 20.03 30.15
N GLY A 352 3.62 19.16 29.17
CA GLY A 352 3.20 19.48 27.81
C GLY A 352 1.70 19.62 27.67
N LYS A 353 0.94 18.82 28.41
CA LYS A 353 -0.51 18.88 28.34
C LYS A 353 -1.10 20.13 28.99
N TYR A 354 -0.20 20.80 29.67
CA TYR A 354 -0.46 22.01 30.42
C TYR A 354 -0.25 23.27 29.64
N ALA A 355 0.76 23.34 28.78
CA ALA A 355 1.12 24.43 27.89
C ALA A 355 0.13 24.54 26.73
N THR A 356 -0.29 23.41 26.18
CA THR A 356 -1.19 23.43 25.03
C THR A 356 -2.62 23.80 25.41
N THR A 357 -3.04 23.52 26.64
CA THR A 357 -4.42 23.80 27.04
C THR A 357 -4.63 25.25 27.43
N ALA A 358 -3.57 26.02 27.67
CA ALA A 358 -3.68 27.41 28.11
C ALA A 358 -3.01 28.40 27.18
N ARG A 359 -1.76 28.13 26.78
CA ARG A 359 -0.99 29.10 26.02
C ARG A 359 -1.11 28.92 24.51
N ASN A 360 -1.92 28.00 24.03
CA ASN A 360 -2.09 27.78 22.60
C ASN A 360 -3.51 27.99 22.12
N SER A 361 -4.50 27.42 22.81
CA SER A 361 -5.88 27.57 22.38
C SER A 361 -6.47 28.90 22.85
N PHE A 362 -6.28 29.23 24.12
CA PHE A 362 -6.87 30.45 24.66
C PHE A 362 -6.30 31.69 24.00
N ILE A 363 -5.02 31.68 23.65
CA ILE A 363 -4.42 32.84 22.98
C ILE A 363 -5.05 33.05 21.61
N VAL A 364 -5.26 31.96 20.86
CA VAL A 364 -5.89 32.07 19.55
C VAL A 364 -7.33 32.58 19.69
N LEU A 365 -8.07 32.03 20.65
CA LEU A 365 -9.44 32.48 20.86
C LEU A 365 -9.49 33.96 21.24
N ILE A 366 -8.57 34.39 22.11
CA ILE A 366 -8.54 35.79 22.53
C ILE A 366 -8.23 36.69 21.35
N ILE A 367 -7.24 36.32 20.53
CA ILE A 367 -6.88 37.14 19.37
C ILE A 367 -8.07 37.27 18.42
N PHE A 368 -8.72 36.15 18.12
CA PHE A 368 -9.86 36.18 17.22
C PHE A 368 -10.98 37.07 17.79
N THR A 369 -11.30 36.88 19.07
CA THR A 369 -12.39 37.64 19.69
C THR A 369 -12.08 39.12 19.79
N ILE A 370 -10.81 39.50 19.98
CA ILE A 370 -10.51 40.91 20.17
C ILE A 370 -10.27 41.65 18.86
N CYS A 371 -9.95 40.93 17.77
CA CYS A 371 -9.60 41.67 16.56
C CYS A 371 -10.49 41.36 15.36
N PHE A 372 -11.40 40.38 15.45
CA PHE A 372 -12.43 40.23 14.42
C PHE A 372 -13.78 40.80 14.83
N VAL A 373 -14.13 40.73 16.12
CA VAL A 373 -15.46 41.16 16.55
C VAL A 373 -15.72 42.64 16.26
N PRO A 374 -14.83 43.59 16.58
CA PRO A 374 -15.20 45.00 16.43
C PRO A 374 -15.62 45.40 15.03
N TYR A 375 -15.01 44.83 13.98
CA TYR A 375 -15.39 45.20 12.62
C TYR A 375 -16.84 44.85 12.36
N HIS A 376 -17.23 43.60 12.62
CA HIS A 376 -18.61 43.19 12.42
C HIS A 376 -19.55 43.76 13.47
N ALA A 377 -19.02 44.11 14.65
CA ALA A 377 -19.84 44.80 15.64
C ALA A 377 -20.25 46.18 15.14
N PHE A 378 -19.35 46.88 14.46
CA PHE A 378 -19.64 48.21 13.95
C PHE A 378 -20.32 48.20 12.59
N ARG A 379 -20.51 47.03 11.97
CA ARG A 379 -21.14 46.94 10.67
C ARG A 379 -22.66 47.03 10.74
N PHE A 380 -23.23 46.96 11.93
CA PHE A 380 -24.68 47.06 12.11
C PHE A 380 -25.19 48.48 11.98
N ILE A 381 -24.53 49.44 12.63
CA ILE A 381 -24.93 50.84 12.51
C ILE A 381 -24.64 51.36 11.10
N TYR A 382 -23.59 50.82 10.47
CA TYR A 382 -23.17 51.29 9.16
C TYR A 382 -24.23 51.04 8.10
N ILE A 383 -24.86 49.86 8.13
CA ILE A 383 -25.90 49.53 7.16
C ILE A 383 -27.08 50.48 7.31
N SER A 384 -27.51 50.71 8.56
CA SER A 384 -28.56 51.68 8.80
C SER A 384 -28.16 53.09 8.40
N SER A 385 -26.86 53.41 8.45
CA SER A 385 -26.37 54.70 7.98
C SER A 385 -26.47 54.82 6.47
N GLN A 386 -26.27 53.73 5.72
CA GLN A 386 -26.44 53.75 4.28
C GLN A 386 -27.88 53.50 3.84
N LEU A 387 -28.81 53.33 4.78
CA LEU A 387 -30.23 53.31 4.46
C LEU A 387 -31.00 54.49 5.02
N ASN A 388 -30.40 55.27 5.92
CA ASN A 388 -31.01 56.49 6.44
C ASN A 388 -29.91 57.54 6.58
N VAL A 389 -30.09 58.67 5.91
CA VAL A 389 -29.05 59.69 5.84
C VAL A 389 -29.24 60.68 6.98
N SER A 390 -28.16 61.38 7.32
CA SER A 390 -28.16 62.37 8.39
C SER A 390 -27.11 63.43 8.05
N SER A 391 -26.69 64.20 9.05
CA SER A 391 -25.69 65.23 8.84
C SER A 391 -24.36 64.62 8.40
N CYS A 392 -23.59 65.39 7.64
CA CYS A 392 -22.33 64.91 7.09
C CYS A 392 -21.30 64.59 8.16
N TYR A 393 -21.40 65.21 9.35
CA TYR A 393 -20.45 64.92 10.41
C TYR A 393 -20.56 63.46 10.86
N TRP A 394 -21.79 62.99 11.07
CA TRP A 394 -22.00 61.60 11.47
C TRP A 394 -21.53 60.65 10.38
N LYS A 395 -21.81 60.97 9.11
CA LYS A 395 -21.33 60.14 8.02
C LYS A 395 -19.81 60.06 8.00
N GLU A 396 -19.14 61.20 8.18
CA GLU A 396 -17.68 61.21 8.17
C GLU A 396 -17.12 60.39 9.32
N ILE A 397 -17.66 60.54 10.52
CA ILE A 397 -17.09 59.83 11.67
C ILE A 397 -17.35 58.32 11.55
N VAL A 398 -18.55 57.94 11.07
CA VAL A 398 -18.82 56.51 10.92
C VAL A 398 -17.95 55.91 9.82
N HIS A 399 -17.70 56.66 8.74
CA HIS A 399 -16.79 56.18 7.70
C HIS A 399 -15.38 56.01 8.23
N LYS A 400 -14.91 56.96 9.03
CA LYS A 400 -13.57 56.85 9.60
C LYS A 400 -13.46 55.63 10.51
N THR A 401 -14.45 55.42 11.38
CA THR A 401 -14.41 54.27 12.27
C THR A 401 -14.46 52.96 11.49
N ASN A 402 -15.31 52.90 10.46
CA ASN A 402 -15.37 51.70 9.63
C ASN A 402 -14.03 51.44 8.95
N GLU A 403 -13.37 52.50 8.46
CA GLU A 403 -12.06 52.34 7.84
C GLU A 403 -11.04 51.81 8.84
N ILE A 404 -11.10 52.27 10.10
CA ILE A 404 -10.20 51.75 11.13
C ILE A 404 -10.45 50.25 11.34
N MET A 405 -11.73 49.85 11.33
CA MET A 405 -12.03 48.43 11.48
C MET A 405 -11.45 47.58 10.36
N LEU A 406 -11.48 48.07 9.12
CA LEU A 406 -10.86 47.33 8.03
C LEU A 406 -9.35 47.18 8.23
N VAL A 407 -8.70 48.23 8.73
CA VAL A 407 -7.27 48.15 9.02
C VAL A 407 -7.00 47.09 10.09
N LEU A 408 -7.84 47.06 11.13
CA LEU A 408 -7.67 46.05 12.17
C LEU A 408 -7.85 44.64 11.62
N SER A 409 -8.87 44.45 10.77
CA SER A 409 -9.12 43.13 10.19
C SER A 409 -7.96 42.70 9.29
N SER A 410 -7.42 43.62 8.50
CA SER A 410 -6.25 43.31 7.69
C SER A 410 -5.05 42.95 8.55
N PHE A 411 -4.86 43.67 9.67
CA PHE A 411 -3.78 43.33 10.58
C PHE A 411 -3.93 41.92 11.13
N ASN A 412 -5.16 41.52 11.48
CA ASN A 412 -5.37 40.17 11.99
C ASN A 412 -5.13 39.14 10.89
N SER A 413 -5.60 39.41 9.67
CA SER A 413 -5.38 38.49 8.57
C SER A 413 -3.88 38.33 8.29
N CYS A 414 -3.10 39.38 8.51
CA CYS A 414 -1.66 39.28 8.36
C CYS A 414 -1.02 38.50 9.50
N LEU A 415 -1.50 38.72 10.73
CA LEU A 415 -0.93 38.04 11.89
C LEU A 415 -1.30 36.57 11.96
N ASP A 416 -2.34 36.15 11.24
CA ASP A 416 -2.74 34.74 11.29
C ASP A 416 -1.65 33.78 10.79
N PRO A 417 -0.97 34.01 9.66
CA PRO A 417 0.06 33.03 9.24
C PRO A 417 1.18 32.79 10.24
N VAL A 418 1.63 33.83 10.95
CA VAL A 418 2.86 33.70 11.73
C VAL A 418 2.67 32.83 12.97
N MET A 419 1.44 32.69 13.48
CA MET A 419 1.22 31.90 14.69
C MET A 419 1.51 30.42 14.48
N TYR A 420 1.57 29.95 13.23
CA TYR A 420 1.78 28.53 12.99
C TYR A 420 3.19 28.10 13.39
N PHE A 421 4.19 28.94 13.14
CA PHE A 421 5.57 28.57 13.44
C PHE A 421 5.77 28.42 14.95
N LEU A 422 5.32 29.40 15.73
CA LEU A 422 5.54 29.38 17.17
C LEU A 422 4.76 28.25 17.84
N MET A 423 3.54 28.00 17.37
CA MET A 423 2.70 26.99 18.02
C MET A 423 3.20 25.58 17.74
N SER A 424 3.55 25.28 16.50
CA SER A 424 3.96 23.94 16.13
C SER A 424 5.40 23.69 16.58
N SER A 425 5.61 22.64 17.37
CA SER A 425 6.95 22.33 17.87
C SER A 425 7.84 21.80 16.75
N ASN A 426 7.31 20.88 15.94
CA ASN A 426 8.12 20.28 14.88
C ASN A 426 8.51 21.30 13.81
N ILE A 427 7.58 22.19 13.44
CA ILE A 427 7.90 23.23 12.47
C ILE A 427 8.96 24.17 13.02
N ARG A 428 8.83 24.55 14.30
CA ARG A 428 9.82 25.44 14.91
C ARG A 428 11.19 24.77 14.96
N LYS A 429 11.23 23.47 15.30
CA LYS A 429 12.49 22.76 15.31
C LYS A 429 13.11 22.70 13.92
N ILE A 430 12.29 22.42 12.91
CA ILE A 430 12.79 22.38 11.53
C ILE A 430 13.28 23.76 11.09
N MET A 431 12.48 24.79 11.39
CA MET A 431 12.83 26.16 11.01
C MET A 431 13.84 26.75 11.99
N THR B 6 39.46 -31.13 20.02
CA THR B 6 39.26 -32.34 19.23
C THR B 6 37.99 -32.23 18.39
N ALA B 7 37.52 -31.01 18.18
CA ALA B 7 36.32 -30.75 17.39
C ALA B 7 36.57 -29.83 16.21
N SER B 8 37.45 -28.83 16.36
CA SER B 8 37.74 -27.92 15.27
C SER B 8 38.55 -28.58 14.16
N ILE B 9 39.13 -29.75 14.42
CA ILE B 9 39.93 -30.43 13.39
C ILE B 9 39.03 -30.86 12.23
N ALA B 10 37.83 -31.34 12.52
CA ALA B 10 36.91 -31.73 11.46
C ALA B 10 36.49 -30.52 10.63
N GLN B 11 36.23 -29.38 11.30
CA GLN B 11 35.88 -28.17 10.57
C GLN B 11 37.02 -27.70 9.68
N ALA B 12 38.25 -27.76 10.19
CA ALA B 12 39.41 -27.37 9.38
C ALA B 12 39.59 -28.31 8.19
N ARG B 13 39.38 -29.61 8.40
CA ARG B 13 39.48 -30.56 7.29
C ARG B 13 38.42 -30.28 6.24
N LYS B 14 37.18 -29.99 6.66
CA LYS B 14 36.14 -29.64 5.71
C LYS B 14 36.49 -28.38 4.94
N LEU B 15 37.02 -27.37 5.64
CA LEU B 15 37.38 -26.12 4.99
C LEU B 15 38.48 -26.33 3.96
N VAL B 16 39.53 -27.10 4.31
CA VAL B 16 40.61 -27.30 3.36
C VAL B 16 40.16 -28.17 2.19
N GLU B 17 39.26 -29.14 2.43
CA GLU B 17 38.71 -29.92 1.33
C GLU B 17 37.90 -29.04 0.38
N GLN B 18 37.09 -28.14 0.94
CA GLN B 18 36.32 -27.22 0.10
C GLN B 18 37.24 -26.31 -0.71
N LEU B 19 38.31 -25.81 -0.08
CA LEU B 19 39.25 -24.96 -0.78
C LEU B 19 39.96 -25.72 -1.91
N LYS B 20 40.31 -26.99 -1.65
CA LYS B 20 40.94 -27.81 -2.69
C LYS B 20 39.97 -28.09 -3.83
N MET B 21 38.68 -28.24 -3.52
CA MET B 21 37.69 -28.53 -4.56
C MET B 21 37.57 -27.40 -5.56
N GLU B 22 37.71 -26.16 -5.11
CA GLU B 22 37.55 -24.99 -5.98
C GLU B 22 38.84 -24.59 -6.69
N ALA B 23 39.93 -25.32 -6.47
CA ALA B 23 41.21 -25.00 -7.09
C ALA B 23 41.52 -25.86 -8.31
N ASN B 24 40.55 -26.64 -8.78
CA ASN B 24 40.72 -27.53 -9.92
C ASN B 24 39.64 -27.26 -10.96
N ILE B 25 39.43 -26.00 -11.27
CA ILE B 25 38.41 -25.58 -12.24
C ILE B 25 39.11 -24.86 -13.39
N ASP B 26 38.77 -25.26 -14.62
CA ASP B 26 39.34 -24.65 -15.80
C ASP B 26 38.81 -23.22 -15.98
N ARG B 27 39.69 -22.31 -16.40
CA ARG B 27 39.34 -20.92 -16.59
C ARG B 27 39.76 -20.48 -17.98
N ILE B 28 39.04 -19.47 -18.50
CA ILE B 28 39.29 -18.94 -19.83
C ILE B 28 39.71 -17.48 -19.70
N LYS B 29 40.16 -16.92 -20.83
CA LYS B 29 40.61 -15.54 -20.85
C LYS B 29 39.42 -14.58 -20.72
N VAL B 30 39.70 -13.39 -20.17
CA VAL B 30 38.65 -12.38 -20.00
C VAL B 30 38.20 -11.87 -21.36
N SER B 31 39.11 -11.76 -22.32
CA SER B 31 38.78 -11.22 -23.63
C SER B 31 37.73 -12.08 -24.34
N LYS B 32 37.86 -13.41 -24.23
CA LYS B 32 36.88 -14.29 -24.85
C LYS B 32 35.50 -14.11 -24.25
N ALA B 33 35.42 -13.99 -22.93
CA ALA B 33 34.13 -13.76 -22.28
C ALA B 33 33.53 -12.42 -22.69
N ALA B 34 34.36 -11.38 -22.77
CA ALA B 34 33.88 -10.08 -23.22
C ALA B 34 33.35 -10.15 -24.64
N ALA B 35 34.07 -10.84 -25.51
CA ALA B 35 33.63 -10.98 -26.90
C ALA B 35 32.31 -11.75 -26.97
N ASP B 36 32.16 -12.80 -26.17
CA ASP B 36 30.90 -13.56 -26.15
C ASP B 36 29.74 -12.69 -25.69
N LEU B 37 29.95 -11.92 -24.61
CA LEU B 37 28.90 -11.04 -24.12
C LEU B 37 28.51 -9.99 -25.16
N MET B 38 29.51 -9.38 -25.80
CA MET B 38 29.20 -8.37 -26.82
C MET B 38 28.48 -8.98 -28.01
N ALA B 39 28.89 -10.18 -28.42
CA ALA B 39 28.21 -10.84 -29.54
C ALA B 39 26.76 -11.15 -29.20
N TYR B 40 26.51 -11.66 -27.99
CA TYR B 40 25.13 -11.94 -27.59
C TYR B 40 24.31 -10.65 -27.56
N CYS B 41 24.87 -9.58 -27.00
CA CYS B 41 24.15 -8.32 -26.93
C CYS B 41 23.82 -7.78 -28.31
N GLU B 42 24.79 -7.82 -29.23
CA GLU B 42 24.56 -7.34 -30.59
C GLU B 42 23.52 -8.21 -31.30
N ALA B 43 23.57 -9.53 -31.10
CA ALA B 43 22.61 -10.41 -31.74
C ALA B 43 21.19 -10.17 -31.25
N HIS B 44 21.03 -9.97 -29.94
CA HIS B 44 19.69 -9.88 -29.36
C HIS B 44 19.22 -8.45 -29.12
N ALA B 45 19.98 -7.44 -29.55
CA ALA B 45 19.51 -6.07 -29.40
C ALA B 45 18.26 -5.78 -30.21
N LYS B 46 18.05 -6.50 -31.32
CA LYS B 46 16.90 -6.25 -32.18
C LYS B 46 15.59 -6.68 -31.52
N GLU B 47 15.63 -7.54 -30.50
CA GLU B 47 14.44 -8.05 -29.85
C GLU B 47 14.19 -7.43 -28.48
N ASP B 48 14.75 -6.25 -28.22
CA ASP B 48 14.57 -5.59 -26.94
C ASP B 48 13.59 -4.44 -27.08
N PRO B 49 12.35 -4.57 -26.61
CA PRO B 49 11.38 -3.46 -26.74
C PRO B 49 11.73 -2.25 -25.91
N LEU B 50 12.57 -2.38 -24.89
CA LEU B 50 12.92 -1.25 -24.04
C LEU B 50 14.07 -0.42 -24.61
N LEU B 51 15.03 -1.07 -25.26
CA LEU B 51 16.13 -0.34 -25.87
C LEU B 51 15.66 0.40 -27.13
N THR B 52 14.86 -0.27 -27.95
CA THR B 52 14.30 0.34 -29.15
C THR B 52 12.82 0.63 -28.93
N PRO B 53 12.41 1.90 -28.81
CA PRO B 53 10.99 2.19 -28.59
C PRO B 53 10.12 1.81 -29.78
N VAL B 54 9.29 0.78 -29.61
CA VAL B 54 8.41 0.31 -30.67
C VAL B 54 7.28 1.33 -30.85
N PRO B 55 6.67 1.40 -32.03
CA PRO B 55 5.55 2.34 -32.22
C PRO B 55 4.37 2.00 -31.32
N ALA B 56 3.58 3.03 -30.99
CA ALA B 56 2.47 2.89 -30.07
C ALA B 56 1.35 2.00 -30.58
N SER B 57 1.46 1.46 -31.80
CA SER B 57 0.45 0.56 -32.32
C SER B 57 0.56 -0.86 -31.78
N GLU B 58 1.64 -1.17 -31.05
CA GLU B 58 1.83 -2.50 -30.49
C GLU B 58 1.99 -2.53 -28.98
N ASN B 59 2.13 -1.38 -28.33
CA ASN B 59 2.27 -1.35 -26.88
C ASN B 59 0.96 -1.71 -26.20
N PRO B 60 0.92 -2.76 -25.38
CA PRO B 60 -0.33 -3.08 -24.67
C PRO B 60 -0.67 -2.11 -23.56
N PHE B 61 0.29 -1.27 -23.13
CA PHE B 61 0.08 -0.30 -22.06
C PHE B 61 -0.14 1.10 -22.60
N ARG B 62 -0.64 1.23 -23.83
CA ARG B 62 -0.88 2.53 -24.44
C ARG B 62 -1.96 3.30 -23.68
N GLY C 2 -18.23 2.01 -18.96
CA GLY C 2 -17.55 1.87 -20.22
C GLY C 2 -18.42 1.27 -21.31
N CYS C 3 -18.26 1.77 -22.53
CA CYS C 3 -19.03 1.29 -23.67
C CYS C 3 -18.29 0.19 -24.44
N THR C 4 -16.96 0.26 -24.49
CA THR C 4 -16.19 -0.74 -25.21
C THR C 4 -16.16 -2.06 -24.47
N LEU C 5 -16.33 -2.03 -23.14
CA LEU C 5 -16.28 -3.25 -22.35
C LEU C 5 -17.43 -4.19 -22.72
N SER C 6 -17.13 -5.49 -22.76
CA SER C 6 -18.11 -6.50 -23.09
C SER C 6 -18.84 -6.94 -21.82
N ALA C 7 -19.66 -7.99 -21.93
CA ALA C 7 -20.41 -8.48 -20.78
C ALA C 7 -19.54 -9.25 -19.79
N GLU C 8 -18.40 -9.77 -20.23
CA GLU C 8 -17.50 -10.51 -19.36
C GLU C 8 -16.42 -9.64 -18.73
N ASP C 9 -16.39 -8.35 -19.05
CA ASP C 9 -15.41 -7.44 -18.47
C ASP C 9 -15.99 -6.56 -17.38
N LYS C 10 -17.29 -6.27 -17.43
CA LYS C 10 -17.92 -5.48 -16.38
C LYS C 10 -18.04 -6.28 -15.09
N ALA C 11 -18.28 -7.59 -15.18
CA ALA C 11 -18.35 -8.41 -13.99
C ALA C 11 -17.00 -8.47 -13.27
N ALA C 12 -15.91 -8.48 -14.04
CA ALA C 12 -14.58 -8.42 -13.43
C ALA C 12 -14.38 -7.11 -12.68
N VAL C 13 -14.86 -6.00 -13.25
CA VAL C 13 -14.77 -4.71 -12.59
C VAL C 13 -15.57 -4.71 -11.30
N GLU C 14 -16.77 -5.30 -11.33
CA GLU C 14 -17.59 -5.38 -10.12
C GLU C 14 -16.91 -6.23 -9.06
N ARG C 15 -16.30 -7.35 -9.46
CA ARG C 15 -15.57 -8.19 -8.51
C ARG C 15 -14.39 -7.44 -7.90
N SER C 16 -13.66 -6.67 -8.72
CA SER C 16 -12.54 -5.87 -8.21
C SER C 16 -13.04 -4.82 -7.23
N LYS C 17 -14.17 -4.19 -7.52
CA LYS C 17 -14.73 -3.21 -6.61
C LYS C 17 -15.15 -3.84 -5.29
N MET C 18 -15.73 -5.04 -5.34
CA MET C 18 -16.07 -5.75 -4.11
C MET C 18 -14.82 -6.09 -3.31
N ILE C 19 -13.75 -6.51 -3.98
CA ILE C 19 -12.49 -6.79 -3.29
C ILE C 19 -11.96 -5.53 -2.63
N ASP C 20 -12.03 -4.39 -3.34
CA ASP C 20 -11.58 -3.12 -2.76
C ASP C 20 -12.40 -2.76 -1.54
N ARG C 21 -13.72 -2.94 -1.60
CA ARG C 21 -14.57 -2.65 -0.46
C ARG C 21 -14.22 -3.52 0.73
N ASN C 22 -13.99 -4.81 0.49
CA ASN C 22 -13.61 -5.71 1.59
C ASN C 22 -12.27 -5.30 2.19
N LEU C 23 -11.29 -4.95 1.35
CA LEU C 23 -10.00 -4.51 1.87
C LEU C 23 -10.12 -3.25 2.69
N ARG C 24 -10.94 -2.29 2.22
CA ARG C 24 -11.14 -1.05 2.96
C ARG C 24 -11.82 -1.32 4.30
N GLU C 25 -12.82 -2.20 4.32
CA GLU C 25 -13.49 -2.53 5.57
C GLU C 25 -12.55 -3.21 6.54
N ASP C 26 -11.70 -4.11 6.06
CA ASP C 26 -10.77 -4.81 6.92
C ASP C 26 -9.61 -3.94 7.38
N GLY C 27 -9.27 -2.89 6.62
CA GLY C 27 -8.15 -2.05 6.98
C GLY C 27 -8.44 -1.05 8.09
N GLU C 28 -9.71 -0.70 8.29
CA GLU C 28 -10.07 0.23 9.36
C GLU C 28 -10.21 -0.45 10.71
N LYS C 29 -10.24 -1.78 10.75
CA LYS C 29 -10.29 -2.51 12.01
C LYS C 29 -8.90 -2.84 12.53
N ALA C 30 -7.90 -2.92 11.65
CA ALA C 30 -6.53 -3.17 12.06
C ALA C 30 -5.83 -1.93 12.61
N ALA C 31 -6.42 -0.75 12.40
CA ALA C 31 -5.88 0.49 12.95
C ALA C 31 -6.49 0.84 14.30
N ARG C 32 -7.43 0.04 14.80
CA ARG C 32 -8.06 0.25 16.10
C ARG C 32 -7.48 -0.67 17.17
N GLU C 33 -6.28 -1.18 16.97
CA GLU C 33 -5.62 -2.06 17.91
C GLU C 33 -4.24 -1.52 18.24
N VAL C 34 -3.79 -1.78 19.46
CA VAL C 34 -2.47 -1.36 19.93
C VAL C 34 -1.47 -2.46 19.64
N LYS C 35 -0.27 -2.08 19.19
CA LYS C 35 0.80 -3.01 18.91
C LYS C 35 2.00 -2.68 19.78
N LEU C 36 2.49 -3.67 20.53
CA LEU C 36 3.56 -3.46 21.49
C LEU C 36 4.68 -4.45 21.23
N LEU C 37 5.89 -3.95 21.01
CA LEU C 37 7.07 -4.81 20.90
C LEU C 37 7.62 -5.10 22.29
N LEU C 38 8.16 -6.30 22.47
CA LEU C 38 8.75 -6.69 23.75
C LEU C 38 10.21 -7.04 23.54
N LEU C 39 11.07 -6.46 24.37
CA LEU C 39 12.51 -6.72 24.36
C LEU C 39 12.98 -7.04 25.78
N GLY C 40 14.26 -7.39 25.90
CA GLY C 40 14.81 -7.72 27.19
C GLY C 40 16.21 -8.29 27.03
N ALA C 41 16.68 -8.94 28.10
CA ALA C 41 18.02 -9.52 28.14
C ALA C 41 17.96 -11.04 28.15
N GLY C 42 16.87 -11.62 27.67
CA GLY C 42 16.72 -13.06 27.62
C GLY C 42 16.15 -13.64 28.90
N GLU C 43 16.95 -13.65 29.96
CA GLU C 43 16.53 -14.16 31.26
C GLU C 43 16.34 -13.02 32.27
N SER C 44 16.01 -11.83 31.79
CA SER C 44 15.76 -10.68 32.66
C SER C 44 14.40 -10.73 33.32
N GLY C 45 13.54 -11.65 32.93
CA GLY C 45 12.23 -11.79 33.52
C GLY C 45 11.06 -11.40 32.62
N LYS C 46 11.23 -11.40 31.30
CA LYS C 46 10.12 -11.08 30.41
C LYS C 46 9.03 -12.14 30.49
N SER C 47 9.41 -13.40 30.76
CA SER C 47 8.43 -14.47 30.82
C SER C 47 7.43 -14.25 31.94
N THR C 48 7.89 -13.87 33.12
CA THR C 48 6.96 -13.63 34.22
C THR C 48 6.12 -12.37 33.98
N ILE C 49 6.69 -11.37 33.30
CA ILE C 49 5.91 -10.18 32.95
C ILE C 49 4.76 -10.56 32.02
N VAL C 50 5.04 -11.41 31.03
CA VAL C 50 3.97 -11.91 30.18
C VAL C 50 2.98 -12.73 30.98
N LYS C 51 3.48 -13.50 31.95
CA LYS C 51 2.61 -14.36 32.76
C LYS C 51 1.62 -13.54 33.58
N GLN C 52 2.06 -12.41 34.14
CA GLN C 52 1.17 -11.59 34.95
C GLN C 52 -0.03 -11.09 34.14
N MET C 53 0.20 -10.78 32.86
CA MET C 53 -0.82 -10.18 32.00
C MET C 53 -1.17 -11.08 30.82
N LYS C 54 -0.89 -12.38 30.94
CA LYS C 54 -1.27 -13.34 29.91
C LYS C 54 -2.78 -13.51 29.88
N ILE C 55 -3.33 -13.61 28.66
CA ILE C 55 -4.75 -13.83 28.48
C ILE C 55 -5.16 -15.20 29.00
N THR C 182 7.89 -19.66 15.64
CA THR C 182 9.04 -19.81 16.52
C THR C 182 9.76 -18.48 16.71
N GLY C 183 10.11 -17.84 15.61
CA GLY C 183 10.82 -16.56 15.65
C GLY C 183 10.00 -15.42 16.23
N ILE C 184 8.72 -15.37 15.88
CA ILE C 184 7.82 -14.31 16.31
C ILE C 184 6.72 -14.93 17.16
N VAL C 185 6.52 -14.38 18.36
CA VAL C 185 5.46 -14.83 19.26
C VAL C 185 4.45 -13.69 19.39
N GLU C 186 3.19 -13.99 19.10
CA GLU C 186 2.13 -13.00 19.17
C GLU C 186 1.19 -13.31 20.34
N THR C 187 0.89 -12.29 21.12
CA THR C 187 -0.04 -12.41 22.24
C THR C 187 -1.14 -11.37 22.07
N HIS C 188 -2.38 -11.82 21.94
CA HIS C 188 -3.52 -10.94 21.74
C HIS C 188 -4.42 -11.00 22.97
N PHE C 189 -4.73 -9.84 23.53
CA PHE C 189 -5.65 -9.81 24.67
C PHE C 189 -6.31 -8.44 24.78
N THR C 190 -7.49 -8.43 25.39
CA THR C 190 -8.29 -7.23 25.51
C THR C 190 -8.47 -6.85 26.98
N PHE C 191 -8.60 -5.55 27.23
CA PHE C 191 -8.83 -5.04 28.57
C PHE C 191 -9.56 -3.72 28.47
N LYS C 192 -10.77 -3.65 29.04
CA LYS C 192 -11.61 -2.46 29.02
C LYS C 192 -11.88 -1.99 27.59
N ASP C 193 -12.32 -2.92 26.75
CA ASP C 193 -12.72 -2.64 25.37
C ASP C 193 -11.58 -2.01 24.57
N LEU C 194 -10.36 -2.52 24.78
CA LEU C 194 -9.19 -2.08 24.03
C LEU C 194 -8.29 -3.29 23.79
N HIS C 195 -7.86 -3.48 22.55
CA HIS C 195 -7.17 -4.69 22.13
C HIS C 195 -5.68 -4.45 22.00
N PHE C 196 -4.87 -5.29 22.65
CA PHE C 196 -3.42 -5.23 22.57
C PHE C 196 -2.89 -6.49 21.89
N LYS C 197 -1.98 -6.28 20.94
CA LYS C 197 -1.23 -7.33 20.28
C LYS C 197 0.24 -7.09 20.57
N MET C 198 0.89 -8.08 21.17
CA MET C 198 2.26 -7.93 21.64
C MET C 198 3.16 -8.92 20.92
N PHE C 199 4.28 -8.43 20.42
CA PHE C 199 5.23 -9.19 19.62
C PHE C 199 6.49 -9.43 20.45
N ASP C 200 6.73 -10.69 20.76
CA ASP C 200 7.97 -11.10 21.42
C ASP C 200 8.90 -11.72 20.39
N VAL C 201 10.16 -11.27 20.39
CA VAL C 201 11.14 -11.68 19.38
C VAL C 201 12.35 -12.30 20.08
N GLY C 202 12.15 -12.85 21.27
CA GLY C 202 13.26 -13.40 22.03
C GLY C 202 13.92 -14.59 21.34
N GLY C 203 13.11 -15.50 20.81
CA GLY C 203 13.64 -16.69 20.16
C GLY C 203 13.88 -16.53 18.68
N GLN C 204 14.77 -15.62 18.30
CA GLN C 204 15.11 -15.38 16.90
C GLN C 204 16.55 -15.75 16.59
N ARG C 205 17.51 -15.17 17.33
CA ARG C 205 18.94 -15.46 17.17
C ARG C 205 19.41 -15.21 15.73
N SER C 206 19.27 -13.96 15.31
CA SER C 206 19.69 -13.54 13.98
C SER C 206 20.27 -12.14 14.09
N GLU C 207 20.49 -11.49 12.95
CA GLU C 207 21.01 -10.13 12.92
C GLU C 207 19.85 -9.16 13.12
N ARG C 208 19.95 -8.33 14.17
CA ARG C 208 18.85 -7.43 14.52
C ARG C 208 18.66 -6.34 13.49
N LYS C 209 19.73 -5.86 12.86
CA LYS C 209 19.64 -4.73 11.95
C LYS C 209 18.95 -5.06 10.63
N LYS C 210 18.80 -6.33 10.29
CA LYS C 210 18.21 -6.72 9.01
C LYS C 210 16.68 -6.84 9.06
N TRP C 211 16.08 -6.81 10.25
CA TRP C 211 14.62 -6.90 10.33
C TRP C 211 14.02 -5.98 11.39
N ILE C 212 14.81 -5.08 11.99
CA ILE C 212 14.27 -4.19 13.01
C ILE C 212 13.34 -3.16 12.40
N HIS C 213 13.60 -2.73 11.17
CA HIS C 213 12.78 -1.70 10.54
C HIS C 213 11.35 -2.17 10.29
N CYS C 214 11.10 -3.49 10.37
CA CYS C 214 9.74 -3.99 10.28
C CYS C 214 8.88 -3.52 11.44
N PHE C 215 9.48 -3.21 12.59
CA PHE C 215 8.75 -2.75 13.77
C PHE C 215 8.83 -1.24 13.95
N GLU C 216 8.84 -0.49 12.86
CA GLU C 216 8.96 0.96 12.95
C GLU C 216 7.67 1.60 13.44
N GLY C 217 6.52 1.00 13.14
CA GLY C 217 5.23 1.58 13.48
C GLY C 217 4.62 1.07 14.76
N VAL C 218 5.42 0.44 15.62
CA VAL C 218 4.91 -0.08 16.88
C VAL C 218 4.57 1.08 17.82
N THR C 219 3.57 0.86 18.67
CA THR C 219 3.15 1.91 19.60
C THR C 219 4.20 2.11 20.69
N ALA C 220 4.69 1.03 21.28
CA ALA C 220 5.65 1.13 22.37
C ALA C 220 6.54 -0.10 22.39
N ILE C 221 7.69 0.04 23.04
CA ILE C 221 8.68 -1.02 23.20
C ILE C 221 8.89 -1.25 24.69
N ILE C 222 8.73 -2.50 25.13
CA ILE C 222 8.86 -2.85 26.54
C ILE C 222 10.24 -3.45 26.78
N PHE C 223 10.95 -2.90 27.76
CA PHE C 223 12.30 -3.35 28.09
C PHE C 223 12.33 -3.73 29.56
N CYS C 224 12.73 -4.98 29.84
CA CYS C 224 12.71 -5.52 31.19
C CYS C 224 14.12 -5.65 31.74
N VAL C 225 14.30 -5.27 33.00
CA VAL C 225 15.59 -5.30 33.66
C VAL C 225 15.41 -5.93 35.04
N ALA C 226 16.30 -6.86 35.38
CA ALA C 226 16.31 -7.47 36.70
C ALA C 226 17.21 -6.68 37.64
N LEU C 227 16.72 -6.41 38.84
CA LEU C 227 17.46 -5.61 39.80
C LEU C 227 18.53 -6.41 40.53
N SER C 228 18.56 -7.73 40.39
CA SER C 228 19.50 -8.58 41.10
C SER C 228 20.70 -8.98 40.25
N ASP C 229 20.84 -8.42 39.05
CA ASP C 229 21.92 -8.80 38.14
C ASP C 229 23.17 -7.97 38.33
N TYR C 230 23.19 -7.03 39.27
CA TYR C 230 24.38 -6.20 39.46
C TYR C 230 25.55 -7.02 39.99
N ASP C 231 25.29 -7.94 40.93
CA ASP C 231 26.35 -8.82 41.42
C ASP C 231 26.67 -9.94 40.43
N LEU C 232 25.67 -10.41 39.69
CA LEU C 232 25.88 -11.52 38.76
C LEU C 232 26.72 -11.08 37.57
N VAL C 233 27.35 -12.06 36.92
CA VAL C 233 28.21 -11.83 35.78
C VAL C 233 27.77 -12.75 34.64
N LEU C 234 28.24 -12.43 33.44
CA LEU C 234 27.93 -13.23 32.26
C LEU C 234 28.55 -14.61 32.38
N ALA C 235 27.82 -15.61 31.89
CA ALA C 235 28.32 -16.98 31.95
C ALA C 235 29.55 -17.17 31.08
N GLU C 236 29.57 -16.56 29.90
CA GLU C 236 30.71 -16.72 28.99
C GLU C 236 31.97 -16.09 29.56
N ASP C 237 31.87 -14.84 30.02
CA ASP C 237 33.01 -14.11 30.56
C ASP C 237 32.60 -13.39 31.84
N GLU C 238 33.47 -13.42 32.83
CA GLU C 238 33.23 -12.75 34.10
C GLU C 238 33.77 -11.31 34.12
N GLU C 239 34.39 -10.86 33.03
CA GLU C 239 34.96 -9.52 33.00
C GLU C 239 33.87 -8.45 32.95
N MET C 240 32.79 -8.72 32.22
CA MET C 240 31.72 -7.74 32.01
C MET C 240 30.47 -8.15 32.78
N ASN C 241 29.90 -7.20 33.51
CA ASN C 241 28.74 -7.46 34.34
C ASN C 241 27.48 -7.56 33.49
N ARG C 242 26.44 -8.16 34.09
CA ARG C 242 25.13 -8.21 33.43
C ARG C 242 24.49 -6.83 33.38
N MET C 243 24.73 -6.01 34.41
CA MET C 243 24.18 -4.66 34.41
C MET C 243 24.73 -3.83 33.27
N HIS C 244 26.04 -3.96 32.98
CA HIS C 244 26.63 -3.23 31.87
C HIS C 244 26.04 -3.68 30.54
N GLU C 245 25.84 -4.99 30.37
CA GLU C 245 25.24 -5.49 29.14
C GLU C 245 23.82 -4.97 28.97
N SER C 246 23.03 -4.98 30.04
CA SER C 246 21.66 -4.47 29.96
C SER C 246 21.65 -2.99 29.64
N MET C 247 22.54 -2.21 30.26
CA MET C 247 22.61 -0.78 29.98
C MET C 247 23.02 -0.52 28.53
N LYS C 248 23.98 -1.30 28.01
CA LYS C 248 24.40 -1.14 26.62
C LYS C 248 23.25 -1.48 25.66
N LEU C 249 22.50 -2.55 25.96
CA LEU C 249 21.36 -2.89 25.13
C LEU C 249 20.30 -1.80 25.15
N PHE C 250 20.02 -1.25 26.33
CA PHE C 250 19.04 -0.16 26.43
C PHE C 250 19.51 1.06 25.65
N ASP C 251 20.80 1.40 25.74
CA ASP C 251 21.33 2.53 24.98
C ASP C 251 21.21 2.29 23.49
N SER C 252 21.50 1.07 23.04
CA SER C 252 21.42 0.76 21.62
C SER C 252 19.98 0.85 21.11
N ILE C 253 19.03 0.32 21.87
CA ILE C 253 17.64 0.32 21.42
C ILE C 253 17.06 1.73 21.47
N CYS C 254 17.36 2.49 22.53
CA CYS C 254 16.77 3.81 22.68
C CYS C 254 17.23 4.79 21.61
N ASN C 255 18.49 4.70 21.18
CA ASN C 255 19.06 5.64 20.23
C ASN C 255 19.10 5.08 18.81
N ASN C 256 18.13 4.23 18.45
CA ASN C 256 18.05 3.71 17.09
C ASN C 256 17.48 4.77 16.16
N LYS C 257 17.87 4.69 14.88
CA LYS C 257 17.40 5.66 13.90
C LYS C 257 15.94 5.45 13.53
N TRP C 258 15.42 4.23 13.69
CA TRP C 258 14.02 3.95 13.39
C TRP C 258 13.08 4.26 14.55
N PHE C 259 13.58 4.23 15.78
CA PHE C 259 12.78 4.46 16.98
C PHE C 259 13.01 5.84 17.58
N THR C 260 13.21 6.86 16.73
CA THR C 260 13.45 8.20 17.22
C THR C 260 12.21 8.85 17.82
N ASP C 261 11.02 8.26 17.64
CA ASP C 261 9.80 8.82 18.18
C ASP C 261 8.88 7.74 18.74
N THR C 262 9.46 6.67 19.28
CA THR C 262 8.69 5.56 19.84
C THR C 262 8.90 5.49 21.35
N SER C 263 7.79 5.30 22.08
CA SER C 263 7.85 5.26 23.53
C SER C 263 8.45 3.95 24.02
N ILE C 264 9.18 4.03 25.12
CA ILE C 264 9.82 2.88 25.76
C ILE C 264 9.31 2.77 27.18
N ILE C 265 8.81 1.60 27.54
CA ILE C 265 8.32 1.31 28.88
C ILE C 265 9.35 0.39 29.54
N LEU C 266 9.99 0.88 30.60
CA LEU C 266 11.03 0.14 31.29
C LEU C 266 10.45 -0.49 32.55
N PHE C 267 10.55 -1.81 32.64
CA PHE C 267 10.12 -2.57 33.81
C PHE C 267 11.32 -3.00 34.61
N LEU C 268 11.24 -2.84 35.93
CA LEU C 268 12.27 -3.28 36.85
C LEU C 268 11.69 -4.37 37.73
N ASN C 269 12.12 -5.61 37.52
CA ASN C 269 11.57 -6.75 38.23
C ASN C 269 12.62 -7.38 39.14
N LYS C 270 12.21 -8.44 39.84
CA LYS C 270 13.04 -9.14 40.81
C LYS C 270 13.56 -8.19 41.90
N LYS C 271 12.70 -7.27 42.32
CA LYS C 271 13.09 -6.31 43.34
C LYS C 271 13.11 -6.91 44.74
N ASP C 272 12.28 -7.92 45.01
CA ASP C 272 12.22 -8.51 46.34
C ASP C 272 13.53 -9.22 46.68
N LEU C 273 14.06 -10.01 45.75
CA LEU C 273 15.33 -10.68 45.99
C LEU C 273 16.48 -9.68 46.07
N PHE C 274 16.41 -8.59 45.30
CA PHE C 274 17.40 -7.52 45.40
C PHE C 274 17.38 -6.91 46.79
N GLU C 275 16.18 -6.66 47.34
CA GLU C 275 16.08 -6.13 48.70
C GLU C 275 16.60 -7.14 49.71
N GLU C 276 16.34 -8.43 49.48
CA GLU C 276 16.84 -9.46 50.39
C GLU C 276 18.36 -9.49 50.41
N LYS C 277 18.99 -9.35 49.25
CA LYS C 277 20.44 -9.49 49.14
C LYS C 277 21.19 -8.16 49.16
N ILE C 278 20.49 -7.03 49.34
CA ILE C 278 21.19 -5.74 49.31
C ILE C 278 22.10 -5.58 50.52
N LYS C 279 21.70 -6.11 51.68
CA LYS C 279 22.51 -5.94 52.88
C LYS C 279 23.81 -6.74 52.82
N LYS C 280 23.79 -7.91 52.18
CA LYS C 280 24.96 -8.76 52.12
C LYS C 280 26.02 -8.26 51.16
N SER C 281 25.68 -7.36 50.23
CA SER C 281 26.64 -6.86 49.27
C SER C 281 26.34 -5.41 48.91
N PRO C 282 27.26 -4.49 49.16
CA PRO C 282 27.02 -3.09 48.80
C PRO C 282 26.97 -2.91 47.28
N LEU C 283 26.22 -1.88 46.86
CA LEU C 283 26.10 -1.59 45.44
C LEU C 283 27.41 -1.08 44.85
N THR C 284 28.38 -0.71 45.70
CA THR C 284 29.64 -0.18 45.21
C THR C 284 30.41 -1.17 44.34
N ILE C 285 30.10 -2.45 44.43
CA ILE C 285 30.74 -3.44 43.56
C ILE C 285 30.38 -3.17 42.10
N CYS C 286 29.10 -2.94 41.83
CA CYS C 286 28.66 -2.65 40.47
C CYS C 286 29.05 -1.22 40.05
N TYR C 287 28.87 -0.26 40.94
CA TYR C 287 29.22 1.13 40.67
C TYR C 287 30.28 1.59 41.67
N PRO C 288 31.57 1.59 41.31
CA PRO C 288 32.60 1.98 42.28
C PRO C 288 32.50 3.44 42.72
N GLU C 289 31.88 4.30 41.94
CA GLU C 289 31.80 5.72 42.25
C GLU C 289 30.56 6.08 43.07
N TYR C 290 29.72 5.12 43.40
CA TYR C 290 28.53 5.39 44.21
C TYR C 290 28.93 5.67 45.65
N ALA C 291 28.31 6.70 46.24
CA ALA C 291 28.54 7.06 47.64
C ALA C 291 27.18 7.45 48.23
N GLY C 292 26.54 6.51 48.90
CA GLY C 292 25.22 6.76 49.47
C GLY C 292 24.95 6.00 50.74
N SER C 293 23.70 6.04 51.21
CA SER C 293 23.32 5.37 52.44
C SER C 293 23.24 3.85 52.30
N ASN C 294 23.33 3.33 51.07
CA ASN C 294 23.25 1.89 50.81
C ASN C 294 21.93 1.30 51.33
N THR C 295 20.85 2.06 51.16
CA THR C 295 19.51 1.63 51.54
C THR C 295 18.70 1.33 50.28
N TYR C 296 17.46 0.87 50.49
CA TYR C 296 16.62 0.50 49.36
C TYR C 296 16.23 1.70 48.51
N GLU C 297 15.74 2.77 49.15
CA GLU C 297 15.26 3.93 48.40
C GLU C 297 16.39 4.59 47.61
N GLU C 298 17.55 4.78 48.25
CA GLU C 298 18.66 5.43 47.57
C GLU C 298 19.15 4.62 46.38
N ALA C 299 19.28 3.30 46.56
CA ALA C 299 19.73 2.44 45.47
C ALA C 299 18.72 2.43 44.32
N ALA C 300 17.43 2.35 44.64
CA ALA C 300 16.40 2.36 43.60
C ALA C 300 16.42 3.67 42.82
N ALA C 301 16.52 4.81 43.53
CA ALA C 301 16.57 6.10 42.87
C ALA C 301 17.82 6.21 42.00
N TYR C 302 18.96 5.73 42.51
CA TYR C 302 20.20 5.80 41.75
C TYR C 302 20.11 4.98 40.46
N ILE C 303 19.58 3.76 40.55
CA ILE C 303 19.44 2.93 39.36
C ILE C 303 18.48 3.56 38.36
N GLN C 304 17.36 4.09 38.86
CA GLN C 304 16.39 4.74 37.98
C GLN C 304 17.01 5.94 37.26
N CYS C 305 17.77 6.75 38.00
CA CYS C 305 18.40 7.92 37.40
C CYS C 305 19.43 7.51 36.35
N GLN C 306 20.22 6.47 36.62
CA GLN C 306 21.20 6.02 35.65
C GLN C 306 20.54 5.46 34.40
N PHE C 307 19.41 4.78 34.54
CA PHE C 307 18.70 4.33 33.35
C PHE C 307 18.12 5.50 32.56
N GLU C 308 17.54 6.50 33.25
CA GLU C 308 16.95 7.62 32.53
C GLU C 308 17.99 8.56 31.93
N ASP C 309 19.22 8.56 32.45
CA ASP C 309 20.25 9.45 31.91
C ASP C 309 20.79 8.99 30.56
N LEU C 310 20.46 7.77 30.13
CA LEU C 310 20.96 7.26 28.85
C LEU C 310 20.23 7.84 27.66
N ASN C 311 19.09 8.51 27.86
CA ASN C 311 18.37 9.11 26.76
C ASN C 311 19.15 10.30 26.20
N LYS C 312 19.20 10.41 24.88
CA LYS C 312 19.94 11.47 24.21
C LYS C 312 19.02 12.51 23.56
N ARG C 313 17.74 12.21 23.38
CA ARG C 313 16.80 13.16 22.79
C ARG C 313 16.13 14.02 23.85
N LYS C 314 15.45 13.40 24.81
CA LYS C 314 14.81 14.07 25.94
C LYS C 314 13.69 15.03 25.52
N ASP C 315 13.32 15.03 24.23
CA ASP C 315 12.29 15.94 23.75
C ASP C 315 11.25 15.18 22.93
N THR C 316 11.66 14.11 22.27
CA THR C 316 10.77 13.34 21.41
C THR C 316 10.24 12.07 22.06
N LYS C 317 11.00 11.45 22.95
CA LYS C 317 10.60 10.20 23.58
C LYS C 317 10.86 10.29 25.09
N GLU C 318 10.05 9.57 25.84
CA GLU C 318 10.17 9.52 27.30
C GLU C 318 10.24 8.07 27.75
N ILE C 319 10.84 7.86 28.92
CA ILE C 319 11.04 6.53 29.48
C ILE C 319 10.08 6.35 30.65
N TYR C 320 9.32 5.25 30.62
CA TYR C 320 8.37 4.92 31.67
C TYR C 320 8.97 3.84 32.55
N THR C 321 9.04 4.09 33.85
CA THR C 321 9.65 3.18 34.81
C THR C 321 8.64 2.77 35.86
N HIS C 322 8.60 1.47 36.15
CA HIS C 322 7.68 0.93 37.15
C HIS C 322 8.34 -0.27 37.82
N PHE C 323 8.03 -0.45 39.11
CA PHE C 323 8.54 -1.58 39.88
C PHE C 323 7.46 -2.65 39.92
N THR C 324 7.79 -3.85 39.45
CA THR C 324 6.81 -4.92 39.33
C THR C 324 6.35 -5.39 40.70
N CYS C 325 5.06 -5.69 40.80
CA CYS C 325 4.44 -6.20 42.03
C CYS C 325 3.81 -7.55 41.74
N ALA C 326 3.23 -8.15 42.79
CA ALA C 326 2.61 -9.46 42.69
C ALA C 326 1.17 -9.41 42.21
N THR C 327 0.62 -8.22 41.97
CA THR C 327 -0.76 -8.05 41.56
C THR C 327 -0.82 -7.70 40.08
N ASP C 328 -1.64 -8.44 39.32
CA ASP C 328 -1.74 -8.21 37.89
C ASP C 328 -2.38 -6.86 37.58
N THR C 329 -3.34 -6.45 38.42
CA THR C 329 -4.14 -5.26 38.12
C THR C 329 -3.27 -4.01 38.06
N LYS C 330 -2.29 -3.89 38.95
CA LYS C 330 -1.41 -2.72 38.95
C LYS C 330 -0.65 -2.63 37.63
N ASN C 331 -0.06 -3.73 37.18
CA ASN C 331 0.69 -3.73 35.93
C ASN C 331 -0.21 -3.41 34.74
N VAL C 332 -1.39 -4.03 34.69
CA VAL C 332 -2.31 -3.78 33.58
C VAL C 332 -2.74 -2.33 33.56
N GLN C 333 -3.05 -1.76 34.73
CA GLN C 333 -3.47 -0.37 34.81
C GLN C 333 -2.34 0.57 34.38
N PHE C 334 -1.11 0.28 34.80
CA PHE C 334 0.03 1.11 34.40
C PHE C 334 0.23 1.05 32.89
N VAL C 335 0.14 -0.13 32.31
CA VAL C 335 0.29 -0.26 30.85
C VAL C 335 -0.80 0.51 30.12
N PHE C 336 -2.04 0.38 30.60
CA PHE C 336 -3.16 1.09 29.97
C PHE C 336 -2.98 2.60 30.06
N ASP C 337 -2.56 3.09 31.23
CA ASP C 337 -2.35 4.53 31.38
C ASP C 337 -1.22 5.00 30.47
N ALA C 338 -0.13 4.23 30.38
CA ALA C 338 0.99 4.63 29.52
C ALA C 338 0.56 4.70 28.06
N VAL C 339 -0.14 3.67 27.58
CA VAL C 339 -0.53 3.66 26.16
C VAL C 339 -1.56 4.76 25.88
N THR C 340 -2.47 5.01 26.82
CA THR C 340 -3.43 6.10 26.62
C THR C 340 -2.73 7.45 26.56
N ASP C 341 -1.75 7.67 27.44
CA ASP C 341 -1.00 8.93 27.41
C ASP C 341 -0.23 9.07 26.10
N VAL C 342 0.38 7.98 25.63
CA VAL C 342 1.12 8.03 24.37
C VAL C 342 0.18 8.38 23.22
N ILE C 343 -0.99 7.75 23.18
CA ILE C 343 -1.94 7.98 22.09
C ILE C 343 -2.43 9.42 22.11
N ILE C 344 -2.80 9.92 23.29
CA ILE C 344 -3.33 11.28 23.36
C ILE C 344 -2.24 12.31 23.02
N LYS C 345 -1.00 12.07 23.46
CA LYS C 345 0.08 12.98 23.10
C LYS C 345 0.34 12.98 21.61
N ASN C 346 0.34 11.79 20.99
CA ASN C 346 0.57 11.72 19.55
C ASN C 346 -0.53 12.43 18.78
N ASN C 347 -1.79 12.22 19.16
CA ASN C 347 -2.88 12.85 18.42
C ASN C 347 -2.89 14.35 18.65
N LEU C 348 -2.52 14.81 19.85
CA LEU C 348 -2.37 16.25 20.08
C LEU C 348 -1.27 16.82 19.20
N LYS C 349 -0.17 16.08 19.04
CA LYS C 349 0.90 16.54 18.16
C LYS C 349 0.44 16.65 16.71
N ASP C 350 -0.33 15.66 16.24
CA ASP C 350 -0.84 15.72 14.88
C ASP C 350 -1.89 16.80 14.71
N CYS C 351 -2.60 17.16 15.79
CA CYS C 351 -3.64 18.18 15.69
C CYS C 351 -3.08 19.58 15.43
N GLY C 352 -1.81 19.81 15.74
CA GLY C 352 -1.19 21.10 15.53
C GLY C 352 -1.20 22.02 16.72
N LEU C 353 -2.01 21.75 17.73
CA LEU C 353 -2.02 22.60 18.93
C LEU C 353 -0.79 22.36 19.79
N PHE C 354 -0.38 21.11 19.93
CA PHE C 354 0.76 20.76 20.78
C PHE C 354 2.08 21.15 20.12
N GLY D 17 48.90 -26.45 18.13
CA GLY D 17 48.98 -27.82 17.65
C GLY D 17 49.58 -27.94 16.27
N SER D 18 50.32 -29.02 16.05
CA SER D 18 50.95 -29.24 14.74
C SER D 18 49.89 -29.43 13.66
N GLU D 19 48.83 -30.19 13.96
CA GLU D 19 47.78 -30.40 12.97
C GLU D 19 47.07 -29.10 12.62
N LEU D 20 46.77 -28.28 13.62
CA LEU D 20 46.12 -27.00 13.35
C LEU D 20 47.02 -26.10 12.51
N ASP D 21 48.32 -26.05 12.83
CA ASP D 21 49.23 -25.22 12.06
C ASP D 21 49.35 -25.70 10.62
N GLN D 22 49.44 -27.03 10.41
CA GLN D 22 49.56 -27.54 9.05
C GLN D 22 48.27 -27.31 8.27
N LEU D 23 47.11 -27.44 8.91
CA LEU D 23 45.86 -27.14 8.23
C LEU D 23 45.77 -25.67 7.85
N ARG D 24 46.19 -24.77 8.76
CA ARG D 24 46.15 -23.35 8.46
C ARG D 24 47.09 -23.00 7.31
N GLN D 25 48.30 -23.55 7.32
CA GLN D 25 49.24 -23.24 6.24
C GLN D 25 48.78 -23.84 4.91
N GLU D 26 48.16 -25.02 4.95
CA GLU D 26 47.61 -25.60 3.72
C GLU D 26 46.48 -24.74 3.18
N ALA D 27 45.60 -24.24 4.05
CA ALA D 27 44.53 -23.36 3.60
C ALA D 27 45.09 -22.06 3.01
N GLU D 28 46.10 -21.49 3.66
CA GLU D 28 46.70 -20.27 3.14
C GLU D 28 47.36 -20.50 1.78
N GLN D 29 48.06 -21.63 1.64
CA GLN D 29 48.68 -21.96 0.34
C GLN D 29 47.62 -22.15 -0.74
N LEU D 30 46.52 -22.83 -0.40
CA LEU D 30 45.46 -23.03 -1.37
C LEU D 30 44.83 -21.70 -1.78
N LYS D 31 44.60 -20.81 -0.82
CA LYS D 31 44.05 -19.49 -1.15
C LYS D 31 45.01 -18.70 -2.04
N ASN D 32 46.30 -18.74 -1.73
CA ASN D 32 47.29 -18.04 -2.55
C ASN D 32 47.33 -18.61 -3.97
N GLN D 33 47.27 -19.93 -4.09
CA GLN D 33 47.27 -20.55 -5.41
C GLN D 33 46.02 -20.18 -6.20
N ILE D 34 44.87 -20.15 -5.54
CA ILE D 34 43.63 -19.76 -6.22
C ILE D 34 43.72 -18.31 -6.68
N ARG D 35 44.25 -17.42 -5.83
CA ARG D 35 44.39 -16.02 -6.22
C ARG D 35 45.36 -15.88 -7.39
N ASP D 36 46.47 -16.62 -7.38
CA ASP D 36 47.43 -16.55 -8.47
C ASP D 36 46.82 -17.06 -9.77
N ALA D 37 46.04 -18.14 -9.70
CA ALA D 37 45.38 -18.67 -10.88
C ALA D 37 44.37 -17.67 -11.43
N ARG D 38 43.62 -17.02 -10.55
CA ARG D 38 42.67 -16.00 -11.00
C ARG D 38 43.38 -14.82 -11.65
N LYS D 39 44.50 -14.39 -11.08
CA LYS D 39 45.24 -13.27 -11.64
C LYS D 39 45.90 -13.63 -12.97
N ALA D 40 46.27 -14.90 -13.15
CA ALA D 40 46.97 -15.31 -14.36
C ALA D 40 46.10 -15.15 -15.59
N CYS D 41 44.81 -15.46 -15.47
CA CYS D 41 43.89 -15.39 -16.60
C CYS D 41 43.33 -13.99 -16.84
N ALA D 42 43.99 -12.96 -16.33
CA ALA D 42 43.54 -11.58 -16.49
C ALA D 42 44.50 -10.89 -17.47
N ASP D 43 44.06 -10.74 -18.71
CA ASP D 43 44.84 -10.08 -19.75
C ASP D 43 44.31 -8.69 -20.09
N ALA D 44 43.00 -8.56 -20.28
CA ALA D 44 42.40 -7.27 -20.61
C ALA D 44 41.16 -7.01 -19.76
N THR D 45 40.46 -5.92 -20.03
CA THR D 45 39.26 -5.53 -19.30
C THR D 45 38.10 -5.38 -20.25
N LEU D 46 36.89 -5.46 -19.70
CA LEU D 46 35.69 -5.33 -20.53
C LEU D 46 35.56 -3.92 -21.10
N SER D 47 35.88 -2.90 -20.30
CA SER D 47 35.69 -1.52 -20.74
C SER D 47 36.58 -1.18 -21.93
N GLN D 48 37.85 -1.60 -21.90
CA GLN D 48 38.76 -1.27 -22.99
C GLN D 48 38.31 -1.90 -24.30
N ILE D 49 37.90 -3.16 -24.26
CA ILE D 49 37.47 -3.85 -25.48
C ILE D 49 36.15 -3.28 -25.98
N THR D 50 35.23 -2.95 -25.06
CA THR D 50 33.91 -2.47 -25.44
C THR D 50 33.90 -0.99 -25.83
N ASN D 51 34.97 -0.26 -25.52
CA ASN D 51 34.99 1.19 -25.75
C ASN D 51 34.80 1.55 -27.22
N ASN D 52 35.07 0.63 -28.15
CA ASN D 52 34.94 0.93 -29.57
C ASN D 52 33.49 0.95 -30.04
N ILE D 53 32.55 0.40 -29.26
CA ILE D 53 31.16 0.35 -29.72
C ILE D 53 30.50 1.71 -29.52
N ASP D 54 29.38 1.89 -30.23
CA ASP D 54 28.63 3.14 -30.16
C ASP D 54 27.77 3.14 -28.90
N PRO D 55 27.96 4.10 -28.00
CA PRO D 55 27.12 4.15 -26.79
C PRO D 55 25.67 4.46 -27.13
N VAL D 56 24.78 3.93 -26.29
CA VAL D 56 23.35 4.14 -26.44
C VAL D 56 22.98 5.50 -25.86
N GLY D 57 21.96 6.13 -26.43
CA GLY D 57 21.52 7.43 -25.98
C GLY D 57 20.68 7.36 -24.72
N ARG D 58 20.17 8.52 -24.32
CA ARG D 58 19.37 8.61 -23.12
C ARG D 58 18.07 7.82 -23.27
N ILE D 59 17.68 7.15 -22.20
CA ILE D 59 16.47 6.32 -22.19
C ILE D 59 15.39 7.07 -21.43
N GLN D 60 14.24 7.26 -22.08
CA GLN D 60 13.10 7.96 -21.49
C GLN D 60 11.98 6.96 -21.26
N MET D 61 11.54 6.85 -20.01
CA MET D 61 10.44 5.98 -19.64
C MET D 61 9.39 6.77 -18.88
N ARG D 62 8.12 6.52 -19.19
CA ARG D 62 7.01 7.21 -18.55
C ARG D 62 6.06 6.18 -17.95
N THR D 63 5.50 6.52 -16.79
CA THR D 63 4.58 5.61 -16.11
C THR D 63 3.29 5.47 -16.91
N ARG D 64 2.74 4.25 -16.90
CA ARG D 64 1.49 3.94 -17.60
C ARG D 64 0.36 3.60 -16.65
N ARG D 65 0.58 2.64 -15.75
CA ARG D 65 -0.43 2.22 -14.79
C ARG D 65 0.08 2.45 -13.38
N THR D 66 -0.84 2.79 -12.48
CA THR D 66 -0.53 2.94 -11.06
C THR D 66 -1.38 1.97 -10.28
N LEU D 67 -0.75 1.05 -9.56
CA LEU D 67 -1.43 0.02 -8.80
C LEU D 67 -1.47 0.43 -7.33
N ARG D 68 -2.69 0.56 -6.80
CA ARG D 68 -2.90 1.04 -5.44
C ARG D 68 -3.94 0.18 -4.76
N GLY D 69 -3.88 0.13 -3.43
CA GLY D 69 -4.79 -0.67 -2.65
C GLY D 69 -4.16 -1.27 -1.41
N HIS D 70 -2.83 -1.33 -1.39
CA HIS D 70 -2.12 -1.77 -0.19
C HIS D 70 -2.14 -0.68 0.88
N LEU D 71 -2.06 -1.10 2.13
CA LEU D 71 -2.12 -0.19 3.27
C LEU D 71 -0.86 -0.25 4.13
N ALA D 72 0.23 -0.80 3.61
CA ALA D 72 1.48 -0.90 4.34
C ALA D 72 2.62 -1.02 3.34
N LYS D 73 3.83 -1.14 3.87
CA LYS D 73 5.01 -1.22 3.02
C LYS D 73 5.01 -2.51 2.22
N ILE D 74 5.32 -2.40 0.93
CA ILE D 74 5.38 -3.55 0.02
C ILE D 74 6.79 -4.11 0.07
N TYR D 75 6.90 -5.43 0.28
CA TYR D 75 8.21 -6.05 0.47
C TYR D 75 8.66 -6.97 -0.65
N ALA D 76 7.75 -7.49 -1.46
CA ALA D 76 8.15 -8.40 -2.54
C ALA D 76 7.12 -8.37 -3.65
N MET D 77 7.56 -8.77 -4.85
CA MET D 77 6.68 -8.94 -5.99
C MET D 77 7.36 -9.87 -6.98
N HIS D 78 6.56 -10.45 -7.87
CA HIS D 78 7.07 -11.37 -8.88
C HIS D 78 6.16 -11.35 -10.09
N TRP D 79 6.76 -11.24 -11.27
CA TRP D 79 6.01 -11.21 -12.52
C TRP D 79 5.53 -12.60 -12.90
N GLY D 80 4.37 -12.65 -13.53
CA GLY D 80 3.86 -13.90 -14.06
C GLY D 80 4.58 -14.33 -15.32
N THR D 81 4.36 -15.60 -15.69
CA THR D 81 5.01 -16.15 -16.88
C THR D 81 4.34 -15.74 -18.18
N ASP D 82 3.13 -15.19 -18.12
CA ASP D 82 2.43 -14.72 -19.30
C ASP D 82 2.59 -13.22 -19.51
N SER D 83 3.37 -12.54 -18.67
CA SER D 83 3.65 -11.12 -18.79
C SER D 83 2.38 -10.27 -18.68
N ARG D 84 1.39 -10.76 -17.96
CA ARG D 84 0.16 -10.00 -17.74
C ARG D 84 -0.22 -9.90 -16.28
N LEU D 85 -0.02 -10.96 -15.50
CA LEU D 85 -0.41 -11.00 -14.10
C LEU D 85 0.81 -10.90 -13.19
N LEU D 86 0.61 -10.35 -12.00
CA LEU D 86 1.69 -10.25 -11.02
C LEU D 86 1.11 -10.43 -9.63
N VAL D 87 1.99 -10.59 -8.65
CA VAL D 87 1.61 -10.79 -7.26
C VAL D 87 2.43 -9.86 -6.38
N SER D 88 1.79 -9.30 -5.35
CA SER D 88 2.43 -8.35 -4.45
C SER D 88 2.13 -8.71 -3.00
N ALA D 89 3.11 -8.49 -2.13
CA ALA D 89 3.03 -8.80 -0.71
C ALA D 89 3.41 -7.58 0.11
N SER D 90 2.65 -7.31 1.18
CA SER D 90 2.89 -6.18 2.05
C SER D 90 2.59 -6.59 3.49
N GLN D 91 3.03 -5.76 4.43
CA GLN D 91 2.90 -6.06 5.85
C GLN D 91 1.48 -5.89 6.37
N ASP D 92 0.55 -5.36 5.57
CA ASP D 92 -0.82 -5.22 6.02
C ASP D 92 -1.53 -6.56 6.22
N GLY D 93 -0.92 -7.66 5.77
CA GLY D 93 -1.51 -8.97 5.91
C GLY D 93 -2.26 -9.49 4.72
N LYS D 94 -1.94 -9.01 3.52
CA LYS D 94 -2.65 -9.40 2.31
C LYS D 94 -1.65 -9.71 1.20
N LEU D 95 -2.02 -10.67 0.35
CA LEU D 95 -1.26 -11.01 -0.84
C LEU D 95 -2.19 -10.80 -2.03
N ILE D 96 -1.85 -9.86 -2.91
CA ILE D 96 -2.78 -9.39 -3.93
C ILE D 96 -2.27 -9.79 -5.31
N ILE D 97 -3.16 -10.34 -6.14
CA ILE D 97 -2.85 -10.67 -7.52
C ILE D 97 -3.42 -9.58 -8.41
N TRP D 98 -2.55 -8.97 -9.22
CA TRP D 98 -2.90 -7.83 -10.07
C TRP D 98 -2.89 -8.25 -11.53
N ASP D 99 -3.87 -7.74 -12.28
CA ASP D 99 -3.90 -7.80 -13.73
C ASP D 99 -3.38 -6.47 -14.27
N SER D 100 -2.18 -6.49 -14.85
CA SER D 100 -1.50 -5.24 -15.19
C SER D 100 -2.22 -4.50 -16.31
N TYR D 101 -2.80 -5.23 -17.26
CA TYR D 101 -3.37 -4.59 -18.44
C TYR D 101 -4.54 -3.68 -18.09
N THR D 102 -5.42 -4.12 -17.19
CA THR D 102 -6.61 -3.35 -16.84
C THR D 102 -6.62 -2.88 -15.39
N THR D 103 -5.55 -3.13 -14.63
CA THR D 103 -5.45 -2.72 -13.23
C THR D 103 -6.63 -3.24 -12.41
N ASN D 104 -6.90 -4.54 -12.54
CA ASN D 104 -7.94 -5.21 -11.77
C ASN D 104 -7.32 -6.22 -10.83
N LYS D 105 -8.01 -6.46 -9.71
CA LYS D 105 -7.57 -7.44 -8.73
C LYS D 105 -8.26 -8.76 -8.97
N VAL D 106 -7.47 -9.83 -9.09
CA VAL D 106 -8.02 -11.16 -9.33
C VAL D 106 -8.26 -11.89 -8.02
N HIS D 107 -7.27 -11.90 -7.12
CA HIS D 107 -7.39 -12.58 -5.84
C HIS D 107 -6.73 -11.76 -4.74
N ALA D 108 -7.25 -11.90 -3.53
CA ALA D 108 -6.68 -11.28 -2.33
C ALA D 108 -6.64 -12.35 -1.24
N ILE D 109 -5.44 -12.74 -0.84
CA ILE D 109 -5.23 -13.85 0.09
C ILE D 109 -4.88 -13.27 1.45
N PRO D 110 -5.69 -13.51 2.49
CA PRO D 110 -5.30 -13.09 3.84
C PRO D 110 -4.28 -14.06 4.43
N LEU D 111 -3.18 -13.51 4.94
CA LEU D 111 -2.11 -14.31 5.52
C LEU D 111 -2.32 -14.48 7.02
N ARG D 112 -1.83 -15.62 7.54
CA ARG D 112 -1.89 -15.86 8.97
C ARG D 112 -0.86 -15.01 9.73
N SER D 113 0.32 -14.81 9.14
CA SER D 113 1.36 -13.99 9.72
C SER D 113 1.56 -12.75 8.86
N SER D 114 1.54 -11.58 9.49
CA SER D 114 1.63 -10.32 8.78
C SER D 114 3.06 -9.89 8.49
N TRP D 115 4.06 -10.63 8.97
CA TRP D 115 5.47 -10.28 8.78
C TRP D 115 6.04 -10.92 7.53
N VAL D 116 5.37 -10.74 6.39
CA VAL D 116 5.80 -11.32 5.13
C VAL D 116 7.02 -10.57 4.61
N MET D 117 7.98 -11.33 4.06
CA MET D 117 9.18 -10.73 3.49
C MET D 117 9.56 -11.29 2.12
N THR D 118 8.82 -12.27 1.60
CA THR D 118 9.13 -12.80 0.27
C THR D 118 7.87 -13.38 -0.34
N CYS D 119 7.88 -13.50 -1.67
CA CYS D 119 6.79 -14.11 -2.41
C CYS D 119 7.33 -14.61 -3.74
N ALA D 120 6.62 -15.58 -4.32
CA ALA D 120 7.04 -16.18 -5.57
C ALA D 120 5.85 -16.72 -6.33
N TYR D 121 5.94 -16.66 -7.66
CA TYR D 121 4.89 -17.11 -8.56
C TYR D 121 5.35 -18.37 -9.28
N ALA D 122 4.47 -19.37 -9.35
CA ALA D 122 4.81 -20.62 -10.01
C ALA D 122 4.93 -20.40 -11.52
N PRO D 123 5.86 -21.10 -12.18
CA PRO D 123 5.99 -20.97 -13.63
C PRO D 123 4.78 -21.45 -14.42
N SER D 124 3.94 -22.31 -13.82
CA SER D 124 2.74 -22.80 -14.50
C SER D 124 1.50 -21.98 -14.16
N GLY D 125 1.54 -21.19 -13.10
CA GLY D 125 0.42 -20.34 -12.76
C GLY D 125 -0.62 -20.96 -11.85
N ASN D 126 -0.31 -22.09 -11.19
CA ASN D 126 -1.26 -22.75 -10.31
C ASN D 126 -1.00 -22.49 -8.84
N TYR D 127 0.23 -22.20 -8.44
CA TYR D 127 0.60 -22.07 -7.05
C TYR D 127 1.32 -20.75 -6.79
N VAL D 128 1.27 -20.31 -5.53
CA VAL D 128 1.97 -19.11 -5.08
C VAL D 128 2.69 -19.45 -3.77
N ALA D 129 3.96 -19.05 -3.67
CA ALA D 129 4.75 -19.30 -2.48
C ALA D 129 4.89 -18.02 -1.66
N CYS D 130 4.70 -18.15 -0.35
CA CYS D 130 4.78 -17.01 0.56
C CYS D 130 5.63 -17.38 1.77
N GLY D 131 6.27 -16.39 2.38
CA GLY D 131 7.06 -16.64 3.57
C GLY D 131 7.80 -15.40 4.04
N GLY D 132 8.41 -15.55 5.22
CA GLY D 132 9.23 -14.50 5.78
C GLY D 132 9.08 -14.31 7.28
N LEU D 133 10.21 -14.30 7.99
CA LEU D 133 10.29 -13.98 9.41
C LEU D 133 9.36 -14.85 10.27
N ASP D 134 9.03 -16.05 9.78
CA ASP D 134 8.18 -16.96 10.52
C ASP D 134 8.65 -18.40 10.48
N ASN D 135 9.76 -18.70 9.80
CA ASN D 135 10.33 -20.03 9.65
C ASN D 135 9.42 -20.99 8.90
N ILE D 136 8.32 -20.51 8.32
CA ILE D 136 7.35 -21.33 7.64
C ILE D 136 7.19 -20.80 6.22
N CYS D 137 7.20 -21.72 5.25
CA CYS D 137 6.96 -21.37 3.85
C CYS D 137 5.62 -21.96 3.43
N SER D 138 4.69 -21.10 3.02
CA SER D 138 3.34 -21.53 2.70
C SER D 138 3.15 -21.60 1.18
N ILE D 139 2.38 -22.61 0.75
CA ILE D 139 2.04 -22.79 -0.65
C ILE D 139 0.52 -22.65 -0.79
N TYR D 140 0.10 -21.74 -1.66
CA TYR D 140 -1.31 -21.47 -1.90
C TYR D 140 -1.69 -21.96 -3.29
N ASN D 141 -2.80 -22.67 -3.38
CA ASN D 141 -3.29 -23.22 -4.64
C ASN D 141 -4.39 -22.31 -5.19
N LEU D 142 -4.23 -21.89 -6.44
CA LEU D 142 -5.17 -20.95 -7.05
C LEU D 142 -6.30 -21.62 -7.81
N LYS D 143 -6.04 -22.76 -8.46
CA LYS D 143 -7.05 -23.48 -9.22
C LYS D 143 -7.70 -24.51 -8.31
N THR D 144 -8.84 -24.15 -7.73
CA THR D 144 -9.56 -25.01 -6.81
C THR D 144 -10.99 -25.21 -7.28
N ARG D 145 -11.51 -26.43 -7.11
CA ARG D 145 -12.89 -26.70 -7.50
C ARG D 145 -13.88 -25.91 -6.67
N GLU D 146 -13.52 -25.59 -5.43
CA GLU D 146 -14.41 -24.84 -4.54
C GLU D 146 -14.50 -23.36 -4.87
N GLY D 147 -13.62 -22.84 -5.73
CA GLY D 147 -13.66 -21.45 -6.12
C GLY D 147 -12.98 -20.50 -5.17
N ASN D 148 -12.20 -20.99 -4.21
CA ASN D 148 -11.48 -20.14 -3.27
C ASN D 148 -10.04 -20.62 -3.15
N VAL D 149 -9.16 -19.69 -2.77
CA VAL D 149 -7.75 -19.98 -2.61
C VAL D 149 -7.50 -20.48 -1.20
N ARG D 150 -6.85 -21.64 -1.08
CA ARG D 150 -6.55 -22.24 0.21
C ARG D 150 -5.11 -22.72 0.24
N VAL D 151 -4.53 -22.71 1.44
CA VAL D 151 -3.15 -23.17 1.61
C VAL D 151 -3.10 -24.69 1.47
N SER D 152 -2.11 -25.17 0.70
CA SER D 152 -1.99 -26.59 0.43
C SER D 152 -0.84 -27.26 1.18
N ARG D 153 0.19 -26.51 1.58
CA ARG D 153 1.32 -27.11 2.26
C ARG D 153 2.09 -26.04 3.02
N GLU D 154 2.50 -26.38 4.24
CA GLU D 154 3.37 -25.54 5.06
C GLU D 154 4.68 -26.27 5.28
N LEU D 155 5.78 -25.64 4.89
CA LEU D 155 7.11 -26.23 4.98
C LEU D 155 7.83 -25.60 6.17
N ALA D 156 8.36 -26.45 7.05
CA ALA D 156 9.04 -26.02 8.26
C ALA D 156 10.37 -26.77 8.38
N GLY D 157 11.29 -26.17 9.14
CA GLY D 157 12.59 -26.77 9.33
C GLY D 157 13.72 -25.77 9.42
N HIS D 158 13.42 -24.50 9.13
CA HIS D 158 14.42 -23.45 9.22
C HIS D 158 14.43 -22.84 10.62
N THR D 159 15.57 -22.26 10.98
CA THR D 159 15.76 -21.64 12.29
C THR D 159 16.07 -20.14 12.16
N GLY D 160 15.69 -19.52 11.05
CA GLY D 160 15.92 -18.10 10.85
C GLY D 160 14.87 -17.54 9.91
N TYR D 161 14.85 -16.22 9.81
CA TYR D 161 13.87 -15.56 8.95
C TYR D 161 14.06 -15.96 7.50
N LEU D 162 12.95 -16.17 6.81
CA LEU D 162 12.98 -16.58 5.40
C LEU D 162 13.15 -15.36 4.52
N SER D 163 14.14 -15.41 3.63
CA SER D 163 14.49 -14.25 2.80
C SER D 163 14.10 -14.40 1.34
N CYS D 164 14.18 -15.58 0.76
CA CYS D 164 13.86 -15.76 -0.64
C CYS D 164 13.42 -17.19 -0.91
N CYS D 165 12.53 -17.35 -1.88
CA CYS D 165 12.06 -18.66 -2.30
C CYS D 165 11.74 -18.61 -3.79
N ARG D 166 12.09 -19.68 -4.50
CA ARG D 166 11.91 -19.74 -5.94
C ARG D 166 11.44 -21.13 -6.36
N PHE D 167 10.46 -21.15 -7.27
CA PHE D 167 9.91 -22.40 -7.76
C PHE D 167 10.80 -23.01 -8.83
N LEU D 168 10.82 -24.35 -8.87
CA LEU D 168 11.44 -25.10 -9.96
C LEU D 168 10.39 -25.76 -10.85
N ASP D 169 9.39 -26.40 -10.24
CA ASP D 169 8.25 -26.95 -10.95
C ASP D 169 7.10 -27.06 -9.94
N ASP D 170 6.07 -27.82 -10.28
CA ASP D 170 4.92 -27.97 -9.39
C ASP D 170 5.23 -28.75 -8.13
N ASN D 171 6.39 -29.40 -8.05
CA ASN D 171 6.70 -30.23 -6.88
C ASN D 171 8.08 -29.93 -6.30
N GLN D 172 8.75 -28.86 -6.73
CA GLN D 172 10.06 -28.51 -6.20
C GLN D 172 10.13 -27.01 -5.95
N ILE D 173 10.91 -26.64 -4.94
CA ILE D 173 11.10 -25.24 -4.57
C ILE D 173 12.40 -25.13 -3.79
N VAL D 174 13.09 -24.00 -3.93
CA VAL D 174 14.35 -23.75 -3.25
C VAL D 174 14.21 -22.49 -2.42
N THR D 175 14.62 -22.57 -1.15
CA THR D 175 14.45 -21.46 -0.22
C THR D 175 15.78 -21.15 0.47
N SER D 176 15.94 -19.88 0.84
CA SER D 176 17.09 -19.42 1.61
C SER D 176 16.59 -18.70 2.85
N SER D 177 17.27 -18.94 3.97
CA SER D 177 16.85 -18.40 5.26
C SER D 177 18.03 -17.68 5.92
N GLY D 178 17.77 -17.14 7.10
CA GLY D 178 18.77 -16.43 7.87
C GLY D 178 19.67 -17.29 8.74
N ASP D 179 19.52 -18.61 8.67
CA ASP D 179 20.37 -19.52 9.43
C ASP D 179 21.59 -19.98 8.63
N THR D 180 22.01 -19.20 7.62
CA THR D 180 23.18 -19.50 6.81
C THR D 180 23.06 -20.87 6.14
N THR D 181 21.87 -21.20 5.66
CA THR D 181 21.62 -22.50 5.05
C THR D 181 20.47 -22.39 4.06
N CYS D 182 20.65 -22.97 2.87
CA CYS D 182 19.61 -23.03 1.86
C CYS D 182 19.08 -24.46 1.76
N ALA D 183 17.82 -24.58 1.34
CA ALA D 183 17.16 -25.88 1.32
C ALA D 183 16.40 -26.08 0.01
N LEU D 184 16.43 -27.31 -0.50
CA LEU D 184 15.59 -27.72 -1.61
C LEU D 184 14.52 -28.65 -1.05
N TRP D 185 13.25 -28.31 -1.30
CA TRP D 185 12.12 -28.96 -0.66
C TRP D 185 11.39 -29.87 -1.63
N ASP D 186 10.45 -30.64 -1.09
CA ASP D 186 9.56 -31.50 -1.88
C ASP D 186 8.15 -31.25 -1.37
N ILE D 187 7.31 -30.62 -2.19
CA ILE D 187 6.00 -30.17 -1.74
C ILE D 187 5.12 -31.35 -1.36
N GLU D 188 5.14 -32.41 -2.18
CA GLU D 188 4.26 -33.55 -1.93
C GLU D 188 4.55 -34.22 -0.60
N THR D 189 5.84 -34.40 -0.27
CA THR D 189 6.23 -35.05 0.97
C THR D 189 6.37 -34.04 2.11
N GLY D 190 7.21 -33.04 1.92
CA GLY D 190 7.44 -32.03 2.92
C GLY D 190 8.78 -32.10 3.64
N GLN D 191 9.78 -32.74 3.06
CA GLN D 191 11.09 -32.91 3.70
C GLN D 191 12.17 -32.32 2.81
N GLN D 192 13.20 -31.75 3.44
CA GLN D 192 14.31 -31.17 2.71
C GLN D 192 15.15 -32.29 2.10
N THR D 193 15.08 -32.42 0.78
CA THR D 193 15.87 -33.44 0.09
C THR D 193 17.34 -33.07 -0.01
N THR D 194 17.67 -31.79 -0.04
CA THR D 194 19.05 -31.35 -0.17
C THR D 194 19.23 -30.06 0.63
N THR D 195 20.37 -29.97 1.33
CA THR D 195 20.72 -28.78 2.09
C THR D 195 22.06 -28.26 1.62
N PHE D 196 22.17 -26.94 1.53
CA PHE D 196 23.39 -26.26 1.11
C PHE D 196 23.88 -25.39 2.26
N THR D 197 25.11 -25.64 2.71
CA THR D 197 25.71 -24.92 3.82
C THR D 197 27.12 -24.48 3.43
N GLY D 198 27.62 -23.47 4.13
CA GLY D 198 28.96 -22.97 3.87
C GLY D 198 29.08 -21.47 4.02
N HIS D 199 27.95 -20.78 4.12
CA HIS D 199 27.95 -19.34 4.32
C HIS D 199 28.14 -19.00 5.79
N THR D 200 28.84 -17.90 6.05
CA THR D 200 29.05 -17.43 7.41
C THR D 200 27.93 -16.51 7.87
N GLY D 201 27.62 -15.47 7.09
CA GLY D 201 26.55 -14.57 7.40
C GLY D 201 25.21 -15.04 6.87
N ASP D 202 24.18 -14.25 7.14
CA ASP D 202 22.83 -14.58 6.70
C ASP D 202 22.73 -14.51 5.17
N VAL D 203 21.89 -15.38 4.61
CA VAL D 203 21.65 -15.44 3.18
C VAL D 203 20.46 -14.55 2.86
N MET D 204 20.65 -13.61 1.94
CA MET D 204 19.65 -12.59 1.65
C MET D 204 18.92 -12.78 0.33
N SER D 205 19.58 -13.30 -0.70
CA SER D 205 18.94 -13.45 -2.00
C SER D 205 19.55 -14.61 -2.77
N LEU D 206 18.77 -15.16 -3.69
CA LEU D 206 19.21 -16.23 -4.57
C LEU D 206 18.61 -16.01 -5.95
N SER D 207 19.28 -16.57 -6.96
CA SER D 207 18.84 -16.48 -8.34
C SER D 207 19.01 -17.84 -9.02
N LEU D 208 18.00 -18.23 -9.80
CA LEU D 208 17.98 -19.52 -10.48
C LEU D 208 18.46 -19.36 -11.93
N ALA D 209 19.21 -20.35 -12.40
CA ALA D 209 19.67 -20.35 -13.78
C ALA D 209 18.51 -20.59 -14.74
N PRO D 210 18.62 -20.12 -15.98
CA PRO D 210 17.52 -20.35 -16.95
C PRO D 210 17.21 -21.82 -17.19
N ASP D 211 18.21 -22.70 -17.13
CA ASP D 211 18.00 -24.12 -17.37
C ASP D 211 17.58 -24.88 -16.12
N THR D 212 17.41 -24.18 -14.99
CA THR D 212 17.01 -24.79 -13.71
C THR D 212 17.92 -25.95 -13.33
N ARG D 213 19.22 -25.76 -13.53
CA ARG D 213 20.23 -26.73 -13.14
C ARG D 213 21.17 -26.23 -12.05
N LEU D 214 21.41 -24.92 -11.98
CA LEU D 214 22.26 -24.33 -10.97
C LEU D 214 21.57 -23.09 -10.43
N PHE D 215 22.09 -22.60 -9.30
CA PHE D 215 21.60 -21.32 -8.78
C PHE D 215 22.72 -20.68 -7.97
N VAL D 216 22.61 -19.37 -7.79
CA VAL D 216 23.60 -18.60 -7.03
C VAL D 216 22.91 -17.95 -5.85
N SER D 217 23.69 -17.68 -4.81
CA SER D 217 23.18 -17.04 -3.60
C SER D 217 24.16 -16.00 -3.11
N GLY D 218 23.63 -14.97 -2.47
CA GLY D 218 24.45 -13.92 -1.87
C GLY D 218 24.24 -13.87 -0.37
N ALA D 219 25.32 -13.66 0.37
CA ALA D 219 25.27 -13.70 1.82
C ALA D 219 25.74 -12.39 2.42
N CYS D 220 25.48 -12.23 3.72
CA CYS D 220 25.83 -11.01 4.45
C CYS D 220 27.33 -10.88 4.70
N ASP D 221 28.13 -11.91 4.44
CA ASP D 221 29.57 -11.85 4.63
C ASP D 221 30.29 -11.32 3.39
N ALA D 222 29.60 -10.53 2.57
CA ALA D 222 30.17 -9.96 1.34
C ALA D 222 30.70 -11.05 0.42
N SER D 223 29.85 -12.03 0.13
CA SER D 223 30.26 -13.14 -0.73
C SER D 223 29.04 -13.68 -1.48
N ALA D 224 29.33 -14.35 -2.59
CA ALA D 224 28.33 -15.04 -3.38
C ALA D 224 28.84 -16.44 -3.70
N LYS D 225 27.92 -17.39 -3.78
CA LYS D 225 28.27 -18.78 -3.99
C LYS D 225 27.43 -19.38 -5.10
N LEU D 226 28.05 -20.21 -5.93
CA LEU D 226 27.37 -20.93 -7.01
C LEU D 226 27.16 -22.38 -6.56
N TRP D 227 25.90 -22.80 -6.49
CA TRP D 227 25.54 -24.11 -5.96
C TRP D 227 25.22 -25.06 -7.11
N ASP D 228 24.77 -26.27 -6.77
CA ASP D 228 24.41 -27.30 -7.74
C ASP D 228 23.19 -28.04 -7.22
N VAL D 229 22.09 -27.98 -7.98
CA VAL D 229 20.85 -28.62 -7.54
C VAL D 229 21.00 -30.12 -7.52
N ARG D 230 21.53 -30.71 -8.60
CA ARG D 230 21.60 -32.16 -8.70
C ARG D 230 22.67 -32.74 -7.77
N GLU D 231 23.84 -32.10 -7.72
CA GLU D 231 24.93 -32.63 -6.91
C GLU D 231 24.74 -32.32 -5.43
N GLY D 232 24.69 -31.04 -5.09
CA GLY D 232 24.43 -30.61 -3.73
C GLY D 232 25.58 -29.95 -2.98
N MET D 233 26.63 -29.52 -3.66
CA MET D 233 27.76 -28.87 -3.00
C MET D 233 28.15 -27.63 -3.79
N CYS D 234 28.82 -26.71 -3.10
CA CYS D 234 29.23 -25.45 -3.71
C CYS D 234 30.29 -25.70 -4.79
N ARG D 235 30.27 -24.85 -5.81
CA ARG D 235 31.21 -24.94 -6.93
C ARG D 235 32.22 -23.80 -6.94
N GLN D 236 31.75 -22.56 -6.92
CA GLN D 236 32.63 -21.40 -6.95
C GLN D 236 32.14 -20.34 -5.96
N THR D 237 33.08 -19.52 -5.51
CA THR D 237 32.80 -18.43 -4.59
C THR D 237 33.36 -17.13 -5.17
N PHE D 238 32.60 -16.05 -5.01
CA PHE D 238 32.95 -14.74 -5.55
C PHE D 238 32.93 -13.71 -4.43
N THR D 239 33.98 -12.91 -4.36
CA THR D 239 34.12 -11.87 -3.34
C THR D 239 34.40 -10.54 -4.05
N GLY D 240 34.54 -9.48 -3.24
CA GLY D 240 34.83 -8.17 -3.77
C GLY D 240 34.05 -7.07 -3.10
N HIS D 241 32.84 -7.38 -2.63
CA HIS D 241 32.03 -6.39 -1.94
C HIS D 241 32.58 -6.10 -0.55
N GLU D 242 32.25 -4.92 -0.03
CA GLU D 242 32.71 -4.48 1.27
C GLU D 242 31.59 -4.38 2.30
N SER D 243 30.41 -4.91 1.99
CA SER D 243 29.28 -4.84 2.91
C SER D 243 28.30 -5.96 2.54
N ASP D 244 27.08 -5.87 3.08
CA ASP D 244 26.07 -6.88 2.84
C ASP D 244 25.64 -6.87 1.37
N ILE D 245 25.23 -8.04 0.89
CA ILE D 245 24.70 -8.20 -0.47
C ILE D 245 23.19 -8.36 -0.36
N ASN D 246 22.45 -7.52 -1.09
CA ASN D 246 21.01 -7.47 -0.97
C ASN D 246 20.26 -8.02 -2.16
N ALA D 247 20.89 -8.12 -3.33
CA ALA D 247 20.19 -8.57 -4.52
C ALA D 247 21.16 -9.30 -5.43
N ILE D 248 20.61 -10.14 -6.32
CA ILE D 248 21.40 -10.90 -7.27
C ILE D 248 20.47 -11.31 -8.41
N CYS D 249 21.06 -11.50 -9.60
CA CYS D 249 20.27 -11.86 -10.78
C CYS D 249 21.20 -12.40 -11.85
N PHE D 250 20.74 -13.43 -12.56
CA PHE D 250 21.49 -14.00 -13.67
C PHE D 250 21.37 -13.15 -14.93
N PHE D 251 22.41 -13.21 -15.75
CA PHE D 251 22.34 -12.67 -17.09
C PHE D 251 21.40 -13.53 -17.93
N PRO D 252 20.73 -12.93 -18.93
CA PRO D 252 19.87 -13.73 -19.81
C PRO D 252 20.61 -14.87 -20.51
N ASN D 253 21.88 -14.67 -20.84
CA ASN D 253 22.66 -15.76 -21.42
C ASN D 253 22.84 -16.90 -20.43
N GLY D 254 23.07 -16.58 -19.16
CA GLY D 254 23.25 -17.59 -18.13
C GLY D 254 24.67 -17.88 -17.74
N ASN D 255 25.65 -17.14 -18.29
CA ASN D 255 27.06 -17.35 -17.99
C ASN D 255 27.64 -16.27 -17.10
N ALA D 256 26.81 -15.36 -16.60
CA ALA D 256 27.29 -14.29 -15.73
C ALA D 256 26.12 -13.81 -14.87
N PHE D 257 26.46 -13.07 -13.82
CA PHE D 257 25.44 -12.53 -12.94
C PHE D 257 25.90 -11.20 -12.37
N ALA D 258 24.99 -10.53 -11.65
CA ALA D 258 25.26 -9.22 -11.08
C ALA D 258 24.81 -9.20 -9.62
N THR D 259 25.54 -8.43 -8.81
CA THR D 259 25.28 -8.33 -7.38
C THR D 259 25.16 -6.87 -6.98
N GLY D 260 24.26 -6.61 -6.04
CA GLY D 260 24.06 -5.28 -5.48
C GLY D 260 24.28 -5.32 -3.97
N SER D 261 24.95 -4.27 -3.47
CA SER D 261 25.32 -4.25 -2.05
C SER D 261 24.90 -2.94 -1.39
N ASP D 262 25.34 -2.75 -0.14
CA ASP D 262 24.95 -1.59 0.65
C ASP D 262 25.92 -0.43 0.57
N ASP D 263 27.02 -0.57 -0.19
CA ASP D 263 28.02 0.49 -0.29
C ASP D 263 27.92 1.26 -1.60
N ALA D 264 26.70 1.42 -2.13
CA ALA D 264 26.46 2.17 -3.36
C ALA D 264 27.31 1.66 -4.51
N THR D 265 27.37 0.33 -4.65
CA THR D 265 28.19 -0.30 -5.66
C THR D 265 27.52 -1.56 -6.16
N CYS D 266 27.36 -1.68 -7.47
CA CYS D 266 26.95 -2.92 -8.11
C CYS D 266 28.14 -3.53 -8.83
N ARG D 267 28.15 -4.85 -8.93
CA ARG D 267 29.27 -5.55 -9.55
C ARG D 267 28.75 -6.63 -10.49
N LEU D 268 29.56 -6.95 -11.50
CA LEU D 268 29.24 -8.00 -12.45
C LEU D 268 30.30 -9.09 -12.37
N PHE D 269 29.86 -10.34 -12.18
CA PHE D 269 30.74 -11.48 -12.06
C PHE D 269 30.48 -12.46 -13.19
N ASP D 270 31.54 -13.16 -13.60
CA ASP D 270 31.50 -14.13 -14.68
C ASP D 270 31.78 -15.52 -14.12
N LEU D 271 30.93 -16.48 -14.49
CA LEU D 271 31.11 -17.84 -14.00
C LEU D 271 32.32 -18.52 -14.63
N ARG D 272 32.50 -18.35 -15.95
CA ARG D 272 33.56 -19.05 -16.64
C ARG D 272 34.94 -18.50 -16.28
N ALA D 273 35.05 -17.18 -16.10
CA ALA D 273 36.32 -16.57 -15.75
C ALA D 273 36.59 -16.58 -14.25
N ASP D 274 35.53 -16.63 -13.43
CA ASP D 274 35.65 -16.61 -11.97
C ASP D 274 36.43 -15.37 -11.52
N GLN D 275 36.01 -14.22 -12.01
CA GLN D 275 36.69 -12.96 -11.72
C GLN D 275 35.65 -11.83 -11.84
N GLU D 276 36.08 -10.60 -11.59
CA GLU D 276 35.24 -9.42 -11.70
C GLU D 276 35.42 -8.78 -13.06
N LEU D 277 34.32 -8.29 -13.64
CA LEU D 277 34.35 -7.68 -14.96
C LEU D 277 34.09 -6.18 -14.91
N MET D 278 32.94 -5.76 -14.38
CA MET D 278 32.57 -4.35 -14.35
C MET D 278 32.01 -3.97 -12.98
N THR D 279 32.21 -2.70 -12.62
CA THR D 279 31.75 -2.13 -11.37
C THR D 279 30.95 -0.87 -11.69
N TYR D 280 29.73 -0.79 -11.17
CA TYR D 280 28.84 0.34 -11.40
C TYR D 280 28.68 1.12 -10.10
N SER D 281 29.18 2.35 -10.10
CA SER D 281 29.09 3.22 -8.93
C SER D 281 29.24 4.67 -9.38
N HIS D 282 28.77 5.58 -8.54
CA HIS D 282 28.87 7.01 -8.81
C HIS D 282 29.28 7.74 -7.54
N ASP D 283 29.92 8.90 -7.73
CA ASP D 283 30.38 9.68 -6.58
C ASP D 283 29.24 10.41 -5.89
N ASN D 284 28.08 10.56 -6.54
CA ASN D 284 26.94 11.25 -5.97
C ASN D 284 25.96 10.31 -5.30
N ILE D 285 26.24 9.01 -5.25
CA ILE D 285 25.37 8.03 -4.63
C ILE D 285 26.11 7.41 -3.44
N ILE D 286 25.51 7.51 -2.25
CA ILE D 286 26.07 6.92 -1.04
C ILE D 286 25.09 5.99 -0.35
N CYS D 287 23.92 5.74 -0.94
CA CYS D 287 22.91 4.89 -0.33
C CYS D 287 23.19 3.43 -0.70
N GLY D 288 22.23 2.55 -0.44
CA GLY D 288 22.40 1.12 -0.67
C GLY D 288 21.42 0.59 -1.70
N ILE D 289 21.92 -0.32 -2.55
CA ILE D 289 21.07 -0.92 -3.57
C ILE D 289 20.13 -1.93 -2.91
N THR D 290 18.85 -1.86 -3.25
CA THR D 290 17.86 -2.78 -2.73
C THR D 290 17.40 -3.83 -3.74
N SER D 291 17.42 -3.53 -5.04
CA SER D 291 17.01 -4.49 -6.05
C SER D 291 17.91 -4.39 -7.26
N VAL D 292 18.12 -5.51 -7.95
CA VAL D 292 18.92 -5.58 -9.16
C VAL D 292 18.18 -6.43 -10.18
N SER D 293 18.11 -5.97 -11.42
CA SER D 293 17.47 -6.74 -12.48
C SER D 293 18.10 -6.40 -13.82
N PHE D 294 17.89 -7.28 -14.79
CA PHE D 294 18.43 -7.13 -16.14
C PHE D 294 17.30 -6.87 -17.13
N SER D 295 17.65 -6.80 -18.40
CA SER D 295 16.71 -6.61 -19.50
C SER D 295 16.68 -7.87 -20.36
N LYS D 296 15.81 -7.86 -21.37
CA LYS D 296 15.67 -9.01 -22.24
C LYS D 296 16.95 -9.27 -23.04
N SER D 297 17.57 -8.21 -23.56
CA SER D 297 18.79 -8.35 -24.34
C SER D 297 20.05 -8.30 -23.49
N GLY D 298 19.94 -8.03 -22.20
CA GLY D 298 21.10 -7.95 -21.35
C GLY D 298 21.93 -6.68 -21.51
N ARG D 299 21.32 -5.61 -22.04
CA ARG D 299 22.02 -4.35 -22.23
C ARG D 299 21.77 -3.36 -21.11
N LEU D 300 20.56 -3.33 -20.55
CA LEU D 300 20.19 -2.40 -19.50
C LEU D 300 20.19 -3.12 -18.15
N LEU D 301 20.84 -2.52 -17.16
CA LEU D 301 20.87 -3.04 -15.80
C LEU D 301 20.11 -2.07 -14.92
N LEU D 302 18.99 -2.51 -14.35
CA LEU D 302 18.17 -1.66 -13.51
C LEU D 302 18.49 -1.93 -12.05
N ALA D 303 18.71 -0.84 -11.30
CA ALA D 303 19.08 -0.94 -9.90
C ALA D 303 18.15 -0.06 -9.08
N GLY D 304 17.39 -0.68 -8.18
CA GLY D 304 16.50 0.04 -7.29
C GLY D 304 17.15 0.35 -5.96
N TYR D 305 17.39 1.63 -5.71
CA TYR D 305 18.07 2.11 -4.50
C TYR D 305 17.05 2.46 -3.43
N ASP D 306 17.54 2.89 -2.27
CA ASP D 306 16.71 3.41 -1.20
C ASP D 306 16.72 4.93 -1.15
N ASP D 307 17.27 5.58 -2.17
CA ASP D 307 17.23 7.03 -2.30
C ASP D 307 15.96 7.52 -3.01
N PHE D 308 14.89 6.72 -2.99
CA PHE D 308 13.55 7.03 -3.48
C PHE D 308 13.43 6.92 -4.99
N ASN D 309 14.45 6.45 -5.71
CA ASN D 309 14.35 6.32 -7.16
C ASN D 309 15.26 5.21 -7.65
N CYS D 310 14.97 4.73 -8.85
CA CYS D 310 15.72 3.68 -9.52
C CYS D 310 16.63 4.25 -10.60
N ASN D 311 17.68 3.50 -10.93
CA ASN D 311 18.65 3.93 -11.91
C ASN D 311 18.79 2.87 -13.00
N VAL D 312 19.14 3.32 -14.20
CA VAL D 312 19.36 2.43 -15.34
C VAL D 312 20.80 2.62 -15.81
N TRP D 313 21.54 1.52 -15.93
CA TRP D 313 22.94 1.54 -16.32
C TRP D 313 23.14 0.76 -17.61
N ASP D 314 24.14 1.19 -18.38
CA ASP D 314 24.56 0.47 -19.57
C ASP D 314 25.50 -0.64 -19.15
N ALA D 315 25.09 -1.90 -19.38
CA ALA D 315 25.81 -3.05 -18.86
C ALA D 315 27.17 -3.25 -19.51
N LEU D 316 27.47 -2.55 -20.61
CA LEU D 316 28.73 -2.71 -21.30
C LEU D 316 29.66 -1.51 -21.17
N LYS D 317 29.15 -0.36 -20.72
CA LYS D 317 29.96 0.84 -20.59
C LYS D 317 29.92 1.46 -19.20
N ALA D 318 29.08 0.95 -18.30
CA ALA D 318 28.99 1.43 -16.92
C ALA D 318 28.64 2.91 -16.86
N ASP D 319 27.82 3.39 -17.78
CA ASP D 319 27.37 4.78 -17.82
C ASP D 319 25.87 4.81 -17.53
N ARG D 320 25.48 5.68 -16.60
CA ARG D 320 24.06 5.84 -16.29
C ARG D 320 23.32 6.43 -17.49
N ALA D 321 22.12 5.93 -17.73
CA ALA D 321 21.33 6.38 -18.88
C ALA D 321 19.88 6.70 -18.53
N GLY D 322 19.54 6.86 -17.26
CA GLY D 322 18.18 7.20 -16.89
C GLY D 322 17.86 6.98 -15.42
N VAL D 323 16.95 7.80 -14.90
CA VAL D 323 16.49 7.68 -13.53
C VAL D 323 14.97 7.60 -13.54
N LEU D 324 14.42 6.62 -12.82
CA LEU D 324 12.98 6.40 -12.77
C LEU D 324 12.41 7.01 -11.49
N ALA D 325 12.42 8.34 -11.45
CA ALA D 325 11.88 9.06 -10.31
C ALA D 325 10.35 8.95 -10.30
N GLY D 326 9.78 9.07 -9.10
CA GLY D 326 8.34 8.98 -8.96
C GLY D 326 7.87 8.30 -7.69
N HIS D 327 8.79 7.73 -6.93
CA HIS D 327 8.47 7.08 -5.67
C HIS D 327 8.87 7.97 -4.50
N ASP D 328 8.02 8.01 -3.48
CA ASP D 328 8.21 8.89 -2.33
C ASP D 328 8.86 8.19 -1.15
N ASN D 329 9.25 6.93 -1.29
CA ASN D 329 9.87 6.19 -0.20
C ASN D 329 10.87 5.20 -0.78
N ARG D 330 11.36 4.29 0.06
CA ARG D 330 12.33 3.30 -0.39
C ARG D 330 11.72 2.40 -1.45
N VAL D 331 12.51 2.09 -2.48
CA VAL D 331 12.13 1.14 -3.51
C VAL D 331 12.72 -0.21 -3.13
N SER D 332 11.84 -1.18 -2.85
CA SER D 332 12.27 -2.46 -2.31
C SER D 332 12.23 -3.61 -3.31
N CYS D 333 11.35 -3.56 -4.30
CA CYS D 333 11.20 -4.65 -5.26
C CYS D 333 11.14 -4.09 -6.68
N LEU D 334 11.56 -4.91 -7.64
CA LEU D 334 11.59 -4.52 -9.03
C LEU D 334 11.56 -5.79 -9.89
N GLY D 335 10.83 -5.74 -10.99
CA GLY D 335 10.73 -6.90 -11.87
C GLY D 335 10.55 -6.49 -13.31
N VAL D 336 11.05 -7.35 -14.20
CA VAL D 336 10.98 -7.12 -15.64
C VAL D 336 10.27 -8.32 -16.28
N THR D 337 9.39 -8.03 -17.24
CA THR D 337 8.59 -9.08 -17.87
C THR D 337 9.48 -10.02 -18.69
N ASP D 338 8.93 -11.19 -19.00
CA ASP D 338 9.66 -12.16 -19.80
C ASP D 338 9.91 -11.66 -21.22
N ASP D 339 8.91 -11.00 -21.82
CA ASP D 339 9.04 -10.46 -23.15
C ASP D 339 9.67 -9.07 -23.18
N GLY D 340 10.00 -8.50 -22.02
CA GLY D 340 10.62 -7.20 -21.96
C GLY D 340 9.76 -6.05 -22.44
N MET D 341 8.47 -6.07 -22.12
CA MET D 341 7.56 -5.01 -22.56
C MET D 341 7.36 -3.92 -21.52
N ALA D 342 7.60 -4.21 -20.24
CA ALA D 342 7.40 -3.24 -19.18
C ALA D 342 8.22 -3.65 -17.97
N VAL D 343 8.37 -2.72 -17.03
CA VAL D 343 9.06 -2.96 -15.78
C VAL D 343 8.19 -2.46 -14.63
N ALA D 344 8.08 -3.27 -13.58
CA ALA D 344 7.24 -2.96 -12.44
C ALA D 344 8.11 -2.69 -11.22
N THR D 345 7.84 -1.58 -10.55
CA THR D 345 8.57 -1.19 -9.35
C THR D 345 7.60 -0.99 -8.19
N GLY D 346 7.97 -1.51 -7.03
CA GLY D 346 7.21 -1.31 -5.81
C GLY D 346 8.00 -0.53 -4.79
N SER D 347 7.33 0.02 -3.78
CA SER D 347 7.99 0.86 -2.81
C SER D 347 7.29 0.73 -1.46
N TRP D 348 7.81 1.44 -0.46
CA TRP D 348 7.27 1.43 0.88
C TRP D 348 6.03 2.30 1.04
N ASP D 349 5.64 3.05 0.00
CA ASP D 349 4.44 3.87 0.03
C ASP D 349 3.20 3.11 -0.43
N SER D 350 3.28 1.79 -0.55
CA SER D 350 2.16 0.93 -0.92
C SER D 350 1.63 1.22 -2.31
N PHE D 351 2.50 1.66 -3.21
CA PHE D 351 2.14 1.96 -4.60
C PHE D 351 3.06 1.19 -5.53
N LEU D 352 2.51 0.71 -6.64
CA LEU D 352 3.27 0.03 -7.68
C LEU D 352 3.18 0.83 -8.97
N LYS D 353 4.29 0.92 -9.70
CA LYS D 353 4.35 1.68 -10.93
C LYS D 353 4.88 0.82 -12.07
N ILE D 354 4.26 0.97 -13.25
CA ILE D 354 4.65 0.26 -14.45
C ILE D 354 5.26 1.27 -15.43
N TRP D 355 6.46 0.96 -15.91
CA TRP D 355 7.21 1.84 -16.80
C TRP D 355 7.49 1.12 -18.10
N ASN D 356 7.50 1.87 -19.19
CA ASN D 356 7.86 1.32 -20.51
C ASN D 356 8.34 2.39 -21.47
N VAL E 2 -19.47 -30.55 -4.32
CA VAL E 2 -20.26 -29.54 -5.04
C VAL E 2 -21.51 -30.16 -5.64
N GLN E 3 -22.65 -29.53 -5.37
CA GLN E 3 -23.93 -29.99 -5.92
C GLN E 3 -24.99 -28.92 -5.70
N LEU E 4 -25.86 -28.78 -6.69
CA LEU E 4 -27.00 -27.88 -6.66
C LEU E 4 -28.27 -28.71 -6.69
N VAL E 5 -29.17 -28.47 -5.73
CA VAL E 5 -30.43 -29.20 -5.64
C VAL E 5 -31.57 -28.19 -5.67
N GLU E 6 -32.43 -28.29 -6.68
CA GLU E 6 -33.53 -27.37 -6.88
C GLU E 6 -34.87 -28.10 -6.79
N SER E 7 -35.89 -27.38 -6.34
CA SER E 7 -37.21 -27.95 -6.14
C SER E 7 -38.24 -26.84 -6.22
N GLY E 8 -39.51 -27.23 -6.21
CA GLY E 8 -40.61 -26.30 -6.32
C GLY E 8 -41.54 -26.61 -7.47
N GLY E 9 -41.41 -27.80 -8.04
CA GLY E 9 -42.19 -28.18 -9.21
C GLY E 9 -43.61 -28.60 -8.85
N GLY E 10 -44.34 -29.01 -9.87
CA GLY E 10 -45.73 -29.41 -9.73
C GLY E 10 -46.62 -28.73 -10.74
N LEU E 11 -47.85 -29.22 -10.81
CA LEU E 11 -48.85 -28.71 -11.74
C LEU E 11 -49.78 -27.74 -11.03
N VAL E 12 -50.04 -26.59 -11.67
CA VAL E 12 -50.91 -25.56 -11.13
C VAL E 12 -51.81 -25.03 -12.23
N GLN E 13 -52.88 -24.36 -11.82
CA GLN E 13 -53.78 -23.71 -12.76
C GLN E 13 -53.10 -22.49 -13.38
N PRO E 14 -53.61 -22.02 -14.52
CA PRO E 14 -52.99 -20.82 -15.14
C PRO E 14 -52.92 -19.63 -14.22
N GLY E 15 -53.91 -19.43 -13.35
CA GLY E 15 -53.86 -18.33 -12.41
C GLY E 15 -53.25 -18.73 -11.08
N GLY E 16 -51.98 -18.42 -10.89
CA GLY E 16 -51.30 -18.75 -9.64
C GLY E 16 -49.86 -18.32 -9.69
N SER E 17 -49.27 -18.23 -8.51
CA SER E 17 -47.89 -17.80 -8.33
C SER E 17 -47.10 -18.92 -7.66
N ARG E 18 -45.87 -19.14 -8.11
CA ARG E 18 -45.05 -20.23 -7.59
C ARG E 18 -43.65 -19.73 -7.29
N LYS E 19 -42.92 -20.54 -6.51
CA LYS E 19 -41.53 -20.25 -6.14
C LYS E 19 -40.68 -21.49 -6.37
N LEU E 20 -39.57 -21.30 -7.08
CA LEU E 20 -38.57 -22.34 -7.26
C LEU E 20 -37.37 -22.02 -6.40
N SER E 21 -36.96 -22.97 -5.56
CA SER E 21 -35.88 -22.75 -4.61
C SER E 21 -34.79 -23.78 -4.83
N CYS E 22 -33.54 -23.32 -4.89
CA CYS E 22 -32.40 -24.22 -5.03
C CYS E 22 -31.35 -23.90 -3.98
N SER E 23 -30.68 -24.96 -3.53
CA SER E 23 -29.65 -24.88 -2.51
C SER E 23 -28.34 -25.47 -3.04
N ALA E 24 -27.24 -24.83 -2.67
CA ALA E 24 -25.91 -25.23 -3.10
C ALA E 24 -25.12 -25.78 -1.92
N SER E 25 -24.31 -26.80 -2.17
CA SER E 25 -23.46 -27.35 -1.12
C SER E 25 -22.17 -27.88 -1.72
N GLY E 26 -21.04 -27.43 -1.18
CA GLY E 26 -19.74 -27.87 -1.62
C GLY E 26 -18.85 -26.80 -2.20
N PHE E 27 -19.28 -25.54 -2.22
CA PHE E 27 -18.47 -24.46 -2.75
C PHE E 27 -18.93 -23.14 -2.15
N ALA E 28 -18.15 -22.10 -2.39
CA ALA E 28 -18.47 -20.75 -1.91
C ALA E 28 -19.61 -20.18 -2.73
N PHE E 29 -20.82 -20.22 -2.16
CA PHE E 29 -22.00 -19.74 -2.89
C PHE E 29 -21.98 -18.23 -3.07
N SER E 30 -21.20 -17.51 -2.26
CA SER E 30 -21.19 -16.06 -2.28
C SER E 30 -20.21 -15.48 -3.31
N SER E 31 -19.54 -16.33 -4.08
CA SER E 31 -18.58 -15.86 -5.08
C SER E 31 -18.94 -16.30 -6.50
N PHE E 32 -20.15 -16.78 -6.72
CA PHE E 32 -20.58 -17.27 -8.02
C PHE E 32 -21.87 -16.59 -8.44
N GLY E 33 -21.89 -16.05 -9.66
CA GLY E 33 -23.13 -15.55 -10.21
C GLY E 33 -24.03 -16.69 -10.65
N MET E 34 -25.34 -16.43 -10.62
CA MET E 34 -26.34 -17.46 -10.84
C MET E 34 -27.15 -17.16 -12.09
N HIS E 35 -27.46 -18.21 -12.85
CA HIS E 35 -28.30 -18.13 -14.03
C HIS E 35 -29.41 -19.16 -13.94
N TRP E 36 -30.57 -18.80 -14.49
CA TRP E 36 -31.69 -19.72 -14.66
C TRP E 36 -31.85 -20.05 -16.14
N VAL E 37 -31.94 -21.34 -16.46
CA VAL E 37 -32.04 -21.80 -17.83
C VAL E 37 -33.28 -22.66 -17.98
N ARG E 38 -34.04 -22.42 -19.04
CA ARG E 38 -35.28 -23.13 -19.32
C ARG E 38 -35.09 -24.05 -20.52
N GLN E 39 -35.79 -25.19 -20.50
CA GLN E 39 -35.76 -26.13 -21.61
C GLN E 39 -37.17 -26.68 -21.81
N ALA E 40 -37.82 -26.27 -22.89
CA ALA E 40 -39.14 -26.79 -23.19
C ALA E 40 -39.05 -28.25 -23.63
N PRO E 41 -40.10 -29.03 -23.39
CA PRO E 41 -40.07 -30.44 -23.80
C PRO E 41 -39.89 -30.57 -25.31
N GLU E 42 -39.01 -31.50 -25.70
CA GLU E 42 -38.69 -31.76 -27.11
C GLU E 42 -38.25 -30.48 -27.81
N LYS E 43 -37.51 -29.64 -27.11
CA LYS E 43 -37.04 -28.37 -27.64
C LYS E 43 -35.63 -28.12 -27.10
N GLY E 44 -35.12 -26.92 -27.35
CA GLY E 44 -33.79 -26.53 -26.93
C GLY E 44 -33.80 -25.76 -25.62
N LEU E 45 -32.63 -25.20 -25.30
CA LEU E 45 -32.44 -24.44 -24.08
C LEU E 45 -32.89 -22.99 -24.28
N GLU E 46 -33.07 -22.29 -23.16
CA GLU E 46 -33.54 -20.91 -23.19
C GLU E 46 -33.11 -20.20 -21.91
N TRP E 47 -32.39 -19.10 -22.05
CA TRP E 47 -31.98 -18.30 -20.90
C TRP E 47 -33.19 -17.60 -20.29
N VAL E 48 -33.15 -17.42 -18.96
CA VAL E 48 -34.28 -16.84 -18.25
C VAL E 48 -33.87 -15.60 -17.48
N ALA E 49 -32.95 -15.74 -16.52
CA ALA E 49 -32.58 -14.62 -15.67
C ALA E 49 -31.16 -14.84 -15.15
N TYR E 50 -30.55 -13.75 -14.69
CA TYR E 50 -29.18 -13.78 -14.18
C TYR E 50 -29.07 -12.82 -13.01
N ILE E 51 -28.40 -13.27 -11.94
CA ILE E 51 -28.10 -12.43 -10.78
C ILE E 51 -26.61 -12.51 -10.49
N SER E 52 -26.01 -11.37 -10.18
CA SER E 52 -24.57 -11.30 -9.94
C SER E 52 -24.28 -11.55 -8.46
N SER E 53 -22.98 -11.56 -8.12
CA SER E 53 -22.56 -11.71 -6.74
C SER E 53 -22.76 -10.40 -5.99
N GLY E 54 -23.42 -10.47 -4.84
CA GLY E 54 -23.76 -9.27 -4.10
C GLY E 54 -25.02 -8.58 -4.57
N SER E 55 -25.78 -9.21 -5.47
CA SER E 55 -27.04 -8.64 -5.99
C SER E 55 -26.81 -7.26 -6.62
N GLY E 56 -25.69 -7.11 -7.32
CA GLY E 56 -25.37 -5.86 -7.96
C GLY E 56 -26.14 -5.63 -9.25
N THR E 57 -26.00 -6.55 -10.20
CA THR E 57 -26.66 -6.46 -11.49
C THR E 57 -27.63 -7.63 -11.63
N ILE E 58 -28.86 -7.31 -12.04
CA ILE E 58 -29.90 -8.30 -12.27
C ILE E 58 -30.39 -8.15 -13.70
N TYR E 59 -30.40 -9.24 -14.45
CA TYR E 59 -30.83 -9.24 -15.85
C TYR E 59 -31.96 -10.23 -16.05
N TYR E 60 -32.95 -9.82 -16.83
CA TYR E 60 -34.13 -10.64 -17.13
C TYR E 60 -34.23 -10.87 -18.62
N ALA E 61 -35.11 -11.81 -18.99
CA ALA E 61 -35.40 -12.09 -20.39
C ALA E 61 -36.63 -11.28 -20.82
N ASP E 62 -36.64 -10.89 -22.09
CA ASP E 62 -37.73 -10.06 -22.60
C ASP E 62 -39.06 -10.79 -22.54
N THR E 63 -39.04 -12.12 -22.62
CA THR E 63 -40.28 -12.89 -22.54
C THR E 63 -40.91 -12.80 -21.15
N VAL E 64 -40.08 -12.82 -20.10
CA VAL E 64 -40.57 -12.83 -18.74
C VAL E 64 -40.20 -11.55 -17.99
N LYS E 65 -39.84 -10.49 -18.71
CA LYS E 65 -39.49 -9.24 -18.07
C LYS E 65 -40.71 -8.63 -17.39
N GLY E 66 -40.54 -8.19 -16.15
CA GLY E 66 -41.63 -7.65 -15.38
C GLY E 66 -42.54 -8.67 -14.74
N ARG E 67 -42.26 -9.95 -14.88
CA ARG E 67 -43.09 -11.01 -14.31
C ARG E 67 -42.34 -12.01 -13.46
N PHE E 68 -41.01 -12.11 -13.57
CA PHE E 68 -40.21 -13.03 -12.78
C PHE E 68 -39.30 -12.24 -11.85
N THR E 69 -39.16 -12.72 -10.62
CA THR E 69 -38.29 -12.11 -9.62
C THR E 69 -37.24 -13.11 -9.18
N ILE E 70 -36.00 -12.65 -8.98
CA ILE E 70 -34.90 -13.51 -8.59
C ILE E 70 -34.27 -12.96 -7.31
N SER E 71 -34.05 -13.84 -6.33
CA SER E 71 -33.52 -13.45 -5.04
C SER E 71 -32.43 -14.43 -4.61
N ARG E 72 -31.46 -13.91 -3.86
CA ARG E 72 -30.31 -14.69 -3.42
C ARG E 72 -30.13 -14.50 -1.91
N ASP E 73 -29.90 -15.60 -1.20
CA ASP E 73 -29.66 -15.58 0.24
C ASP E 73 -28.33 -16.27 0.51
N ASP E 74 -27.31 -15.48 0.88
CA ASP E 74 -25.98 -16.02 1.13
C ASP E 74 -25.89 -16.62 2.53
N PRO E 75 -26.51 -16.00 3.55
CA PRO E 75 -26.62 -16.66 4.85
C PRO E 75 -27.06 -18.13 4.77
N LYS E 76 -28.06 -18.43 3.93
CA LYS E 76 -28.63 -19.76 3.85
C LYS E 76 -28.21 -20.51 2.59
N ASN E 77 -27.42 -19.89 1.71
CA ASN E 77 -26.97 -20.51 0.46
C ASN E 77 -28.17 -21.00 -0.37
N THR E 78 -29.04 -20.05 -0.74
CA THR E 78 -30.28 -20.38 -1.42
C THR E 78 -30.54 -19.38 -2.54
N LEU E 79 -31.20 -19.85 -3.60
CA LEU E 79 -31.62 -19.02 -4.71
C LEU E 79 -33.11 -19.24 -4.94
N PHE E 80 -33.86 -18.14 -5.04
CA PHE E 80 -35.31 -18.17 -5.20
C PHE E 80 -35.72 -17.51 -6.51
N LEU E 81 -36.69 -18.12 -7.18
CA LEU E 81 -37.30 -17.57 -8.38
C LEU E 81 -38.81 -17.53 -8.18
N GLN E 82 -39.37 -16.32 -8.17
CA GLN E 82 -40.79 -16.12 -7.94
C GLN E 82 -41.48 -15.77 -9.25
N MET E 83 -42.55 -16.50 -9.57
CA MET E 83 -43.33 -16.28 -10.77
C MET E 83 -44.77 -15.96 -10.39
N THR E 84 -45.29 -14.86 -10.93
CA THR E 84 -46.61 -14.35 -10.57
C THR E 84 -47.71 -14.83 -11.52
N SER E 85 -47.54 -14.61 -12.82
CA SER E 85 -48.52 -15.03 -13.81
C SER E 85 -47.89 -16.11 -14.70
N LEU E 86 -48.58 -17.24 -14.83
CA LEU E 86 -48.08 -18.38 -15.58
C LEU E 86 -49.06 -18.69 -16.71
N ARG E 87 -48.62 -18.51 -17.95
CA ARG E 87 -49.41 -18.83 -19.12
C ARG E 87 -49.20 -20.29 -19.50
N SER E 88 -49.69 -20.69 -20.68
CA SER E 88 -49.63 -22.07 -21.11
C SER E 88 -48.27 -22.48 -21.67
N GLU E 89 -47.35 -21.54 -21.89
CA GLU E 89 -46.05 -21.83 -22.47
C GLU E 89 -44.94 -21.89 -21.42
N ASP E 90 -45.28 -21.96 -20.15
CA ASP E 90 -44.29 -22.00 -19.07
C ASP E 90 -43.97 -23.42 -18.63
N THR E 91 -44.50 -24.42 -19.32
CA THR E 91 -44.26 -25.83 -18.98
C THR E 91 -42.91 -26.24 -19.56
N ALA E 92 -41.94 -26.50 -18.69
CA ALA E 92 -40.59 -26.82 -19.13
C ALA E 92 -39.78 -27.34 -17.93
N MET E 93 -38.51 -27.62 -18.20
CA MET E 93 -37.54 -27.99 -17.17
C MET E 93 -36.67 -26.78 -16.85
N TYR E 94 -36.48 -26.52 -15.56
CA TYR E 94 -35.69 -25.39 -15.08
C TYR E 94 -34.40 -25.89 -14.47
N TYR E 95 -33.30 -25.23 -14.79
CA TYR E 95 -31.98 -25.55 -14.26
C TYR E 95 -31.40 -24.33 -13.56
N CYS E 96 -30.37 -24.57 -12.74
CA CYS E 96 -29.62 -23.51 -12.08
C CYS E 96 -28.15 -23.67 -12.44
N VAL E 97 -27.53 -22.59 -12.90
CA VAL E 97 -26.16 -22.63 -13.39
C VAL E 97 -25.32 -21.61 -12.62
N ARG E 98 -24.11 -22.01 -12.24
CA ARG E 98 -23.15 -21.13 -11.61
C ARG E 98 -22.11 -20.67 -12.62
N SER E 99 -21.64 -19.43 -12.44
CA SER E 99 -20.64 -18.87 -13.33
C SER E 99 -19.86 -17.79 -12.61
N ILE E 100 -18.53 -17.86 -12.68
CA ILE E 100 -17.65 -16.91 -12.03
C ILE E 100 -16.82 -16.21 -13.09
N TYR E 101 -16.77 -14.87 -13.03
CA TYR E 101 -16.15 -14.07 -14.06
C TYR E 101 -14.90 -13.39 -13.51
N TYR E 102 -13.74 -13.80 -14.00
CA TYR E 102 -12.48 -13.10 -13.79
C TYR E 102 -11.53 -13.53 -14.89
N TYR E 103 -10.34 -12.94 -14.92
CA TYR E 103 -9.38 -13.20 -15.99
C TYR E 103 -8.94 -14.66 -15.95
N GLY E 104 -9.30 -15.42 -16.97
CA GLY E 104 -8.95 -16.82 -17.07
C GLY E 104 -9.96 -17.79 -16.53
N SER E 105 -11.12 -17.32 -16.06
CA SER E 105 -12.14 -18.21 -15.53
C SER E 105 -12.93 -18.86 -16.66
N SER E 106 -13.73 -19.86 -16.29
CA SER E 106 -14.57 -20.59 -17.25
C SER E 106 -15.99 -20.63 -16.71
N PRO E 107 -16.87 -19.75 -17.18
CA PRO E 107 -18.25 -19.75 -16.69
C PRO E 107 -19.01 -20.99 -17.13
N PHE E 108 -20.19 -21.18 -16.52
CA PHE E 108 -21.09 -22.29 -16.82
C PHE E 108 -20.43 -23.64 -16.58
N ASP E 109 -20.09 -23.88 -15.31
CA ASP E 109 -19.43 -25.12 -14.92
C ASP E 109 -20.45 -26.20 -14.53
N PHE E 110 -21.26 -25.93 -13.52
CA PHE E 110 -22.20 -26.90 -12.98
C PHE E 110 -23.61 -26.49 -13.36
N TRP E 111 -24.39 -27.45 -13.87
CA TRP E 111 -25.72 -27.17 -14.41
C TRP E 111 -26.84 -27.70 -13.52
N GLY E 112 -26.53 -28.07 -12.27
CA GLY E 112 -27.58 -28.54 -11.39
C GLY E 112 -28.14 -29.88 -11.83
N GLN E 113 -29.42 -30.09 -11.52
CA GLN E 113 -30.09 -31.35 -11.83
C GLN E 113 -31.36 -31.17 -12.65
N GLY E 114 -32.13 -30.12 -12.41
CA GLY E 114 -33.32 -29.86 -13.18
C GLY E 114 -34.59 -30.15 -12.42
N THR E 115 -35.61 -29.33 -12.66
CA THR E 115 -36.93 -29.53 -12.08
C THR E 115 -37.98 -29.36 -13.16
N THR E 116 -39.12 -30.04 -12.99
CA THR E 116 -40.19 -30.04 -13.96
C THR E 116 -41.31 -29.11 -13.51
N LEU E 117 -41.82 -28.28 -14.43
CA LEU E 117 -42.92 -27.38 -14.14
C LEU E 117 -43.92 -27.48 -15.27
N THR E 118 -45.13 -27.95 -14.98
CA THR E 118 -46.19 -28.05 -15.96
C THR E 118 -47.38 -27.22 -15.54
N VAL E 119 -48.06 -26.64 -16.53
CA VAL E 119 -49.24 -25.82 -16.31
C VAL E 119 -50.36 -26.35 -17.20
N SER E 120 -51.54 -26.53 -16.60
CA SER E 120 -52.69 -27.02 -17.34
C SER E 120 -53.35 -25.88 -18.11
N SER E 121 -54.41 -26.22 -18.84
CA SER E 121 -55.12 -25.24 -19.64
C SER E 121 -56.61 -25.56 -19.71
N SER E 136 -30.51 -5.66 -32.80
CA SER E 136 -31.26 -6.34 -31.75
C SER E 136 -30.52 -7.58 -31.26
N ASP E 137 -31.28 -8.64 -30.98
CA ASP E 137 -30.68 -9.87 -30.48
C ASP E 137 -29.91 -10.59 -31.58
N ILE E 138 -29.01 -11.47 -31.16
CA ILE E 138 -28.18 -12.23 -32.09
C ILE E 138 -28.84 -13.58 -32.35
N VAL E 139 -28.96 -13.94 -33.62
CA VAL E 139 -29.55 -15.21 -34.04
C VAL E 139 -28.42 -16.22 -34.21
N MET E 140 -28.51 -17.34 -33.51
CA MET E 140 -27.50 -18.39 -33.56
C MET E 140 -28.12 -19.64 -34.18
N THR E 141 -27.49 -20.16 -35.23
CA THR E 141 -28.09 -21.20 -36.04
C THR E 141 -27.19 -22.44 -36.06
N GLN E 142 -27.84 -23.61 -36.07
CA GLN E 142 -27.16 -24.89 -36.21
C GLN E 142 -27.32 -25.40 -37.64
N ALA E 143 -26.23 -25.93 -38.20
CA ALA E 143 -26.25 -26.36 -39.60
C ALA E 143 -27.15 -27.56 -39.80
N THR E 144 -26.85 -28.67 -39.13
CA THR E 144 -27.59 -29.91 -39.30
C THR E 144 -28.47 -30.16 -38.07
N SER E 145 -29.24 -31.24 -38.13
CA SER E 145 -30.13 -31.63 -37.03
C SER E 145 -30.01 -33.08 -36.62
N SER E 146 -29.51 -33.97 -37.47
CA SER E 146 -29.35 -35.38 -37.12
C SER E 146 -28.33 -36.00 -38.05
N VAL E 147 -27.21 -36.45 -37.50
CA VAL E 147 -26.14 -37.05 -38.29
C VAL E 147 -25.87 -38.47 -37.80
N PRO E 148 -26.43 -39.49 -38.44
CA PRO E 148 -26.12 -40.87 -38.04
C PRO E 148 -24.66 -41.20 -38.31
N VAL E 149 -23.99 -41.72 -37.29
CA VAL E 149 -22.56 -42.02 -37.35
C VAL E 149 -22.30 -43.33 -36.63
N THR E 150 -21.07 -43.82 -36.78
CA THR E 150 -20.61 -45.06 -36.16
C THR E 150 -19.33 -44.79 -35.38
N PRO E 151 -19.06 -45.58 -34.34
CA PRO E 151 -17.82 -45.38 -33.57
C PRO E 151 -16.59 -45.59 -34.43
N GLY E 152 -15.56 -44.79 -34.15
CA GLY E 152 -14.31 -44.88 -34.86
C GLY E 152 -14.09 -43.87 -35.97
N GLU E 153 -15.00 -42.91 -36.13
CA GLU E 153 -14.88 -41.89 -37.16
C GLU E 153 -15.11 -40.51 -36.56
N SER E 154 -14.49 -39.50 -37.17
CA SER E 154 -14.61 -38.14 -36.69
C SER E 154 -15.96 -37.54 -37.08
N VAL E 155 -16.46 -36.66 -36.24
CA VAL E 155 -17.73 -35.97 -36.47
C VAL E 155 -17.49 -34.47 -36.34
N SER E 156 -17.97 -33.72 -37.32
CA SER E 156 -17.84 -32.26 -37.34
C SER E 156 -19.22 -31.62 -37.31
N ILE E 157 -19.38 -30.63 -36.44
CA ILE E 157 -20.63 -29.89 -36.28
C ILE E 157 -20.37 -28.42 -36.52
N SER E 158 -21.22 -27.79 -37.34
CA SER E 158 -21.04 -26.40 -37.72
C SER E 158 -22.13 -25.53 -37.09
N CYS E 159 -21.72 -24.35 -36.63
CA CYS E 159 -22.62 -23.37 -36.04
C CYS E 159 -22.34 -22.00 -36.66
N ARG E 160 -23.38 -21.19 -36.80
CA ARG E 160 -23.27 -19.88 -37.44
C ARG E 160 -23.92 -18.82 -36.56
N SER E 161 -23.41 -17.59 -36.68
CA SER E 161 -23.90 -16.47 -35.91
C SER E 161 -24.25 -15.32 -36.85
N SER E 162 -25.33 -14.61 -36.51
CA SER E 162 -25.76 -13.47 -37.31
C SER E 162 -24.74 -12.34 -37.25
N LYS E 163 -24.18 -12.08 -36.07
CA LYS E 163 -23.21 -11.01 -35.88
C LYS E 163 -21.88 -11.60 -35.43
N SER E 164 -20.80 -10.93 -35.80
CA SER E 164 -19.47 -11.39 -35.44
C SER E 164 -19.29 -11.36 -33.92
N LEU E 165 -18.77 -12.46 -33.37
CA LEU E 165 -18.55 -12.58 -31.93
C LEU E 165 -17.17 -12.12 -31.49
N LEU E 166 -16.31 -11.73 -32.43
CA LEU E 166 -14.97 -11.28 -32.08
C LEU E 166 -15.01 -9.87 -31.51
N HIS E 167 -14.28 -9.65 -30.43
CA HIS E 167 -14.16 -8.34 -29.81
C HIS E 167 -12.82 -7.70 -30.16
N SER E 168 -12.65 -6.45 -29.72
CA SER E 168 -11.42 -5.73 -29.99
C SER E 168 -10.24 -6.35 -29.25
N ASN E 169 -10.48 -6.98 -28.11
CA ASN E 169 -9.40 -7.59 -27.34
C ASN E 169 -8.98 -8.95 -27.87
N GLY E 170 -9.72 -9.50 -28.83
CA GLY E 170 -9.39 -10.77 -29.44
C GLY E 170 -10.21 -11.95 -28.97
N ASN E 171 -11.02 -11.79 -27.92
CA ASN E 171 -11.83 -12.88 -27.42
C ASN E 171 -12.99 -13.17 -28.36
N THR E 172 -13.44 -14.43 -28.35
CA THR E 172 -14.57 -14.88 -29.15
C THR E 172 -15.49 -15.68 -28.22
N TYR E 173 -16.57 -15.06 -27.76
CA TYR E 173 -17.44 -15.63 -26.75
C TYR E 173 -18.34 -16.69 -27.40
N LEU E 174 -17.84 -17.92 -27.45
CA LEU E 174 -18.61 -19.07 -27.93
C LEU E 174 -18.46 -20.21 -26.93
N TYR E 175 -19.57 -20.89 -26.64
CA TYR E 175 -19.61 -21.98 -25.69
C TYR E 175 -20.29 -23.18 -26.31
N TRP E 176 -19.74 -24.37 -26.06
CA TRP E 176 -20.29 -25.62 -26.56
C TRP E 176 -20.76 -26.48 -25.40
N PHE E 177 -21.96 -27.05 -25.55
CA PHE E 177 -22.57 -27.87 -24.51
C PHE E 177 -22.94 -29.24 -25.08
N LEU E 178 -23.28 -30.15 -24.17
CA LEU E 178 -23.69 -31.50 -24.54
C LEU E 178 -24.66 -32.03 -23.50
N GLN E 179 -25.78 -32.59 -23.96
CA GLN E 179 -26.81 -33.13 -23.08
C GLN E 179 -27.01 -34.60 -23.41
N ARG E 180 -26.51 -35.47 -22.54
CA ARG E 180 -26.73 -36.90 -22.70
C ARG E 180 -28.18 -37.25 -22.38
N PRO E 181 -28.70 -38.35 -22.93
CA PRO E 181 -30.09 -38.74 -22.63
C PRO E 181 -30.29 -38.99 -21.15
N GLY E 182 -31.17 -38.20 -20.54
CA GLY E 182 -31.43 -38.31 -19.12
C GLY E 182 -30.37 -37.69 -18.23
N GLN E 183 -29.50 -36.86 -18.76
CA GLN E 183 -28.43 -36.24 -18.00
C GLN E 183 -28.43 -34.74 -18.22
N SER E 184 -27.98 -34.01 -17.20
CA SER E 184 -27.90 -32.56 -17.28
C SER E 184 -26.80 -32.14 -18.26
N PRO E 185 -26.97 -31.01 -18.94
CA PRO E 185 -25.92 -30.54 -19.85
C PRO E 185 -24.63 -30.20 -19.12
N GLN E 186 -23.51 -30.35 -19.82
CA GLN E 186 -22.20 -30.07 -19.26
C GLN E 186 -21.38 -29.28 -20.26
N LEU E 187 -20.45 -28.49 -19.75
CA LEU E 187 -19.60 -27.66 -20.59
C LEU E 187 -18.51 -28.48 -21.25
N LEU E 188 -18.23 -28.18 -22.52
CA LEU E 188 -17.16 -28.82 -23.27
C LEU E 188 -16.05 -27.84 -23.63
N ILE E 189 -16.39 -26.76 -24.33
CA ILE E 189 -15.42 -25.77 -24.78
C ILE E 189 -15.97 -24.38 -24.49
N TYR E 190 -15.14 -23.52 -23.94
CA TYR E 190 -15.51 -22.14 -23.65
C TYR E 190 -14.59 -21.19 -24.41
N ARG E 191 -15.17 -20.11 -24.93
CA ARG E 191 -14.48 -19.11 -25.75
C ARG E 191 -13.94 -19.70 -27.05
N MET E 192 -14.54 -20.79 -27.52
CA MET E 192 -14.36 -21.30 -28.88
C MET E 192 -12.99 -21.94 -29.07
N SER E 193 -12.09 -21.77 -28.11
CA SER E 193 -10.73 -22.29 -28.23
C SER E 193 -10.22 -23.01 -27.00
N ASN E 194 -10.79 -22.78 -25.82
CA ASN E 194 -10.28 -23.31 -24.57
C ASN E 194 -11.06 -24.56 -24.18
N LEU E 195 -10.34 -25.66 -23.97
CA LEU E 195 -10.96 -26.90 -23.53
C LEU E 195 -11.23 -26.85 -22.03
N ALA E 196 -12.36 -27.43 -21.63
CA ALA E 196 -12.75 -27.42 -20.22
C ALA E 196 -11.92 -28.44 -19.44
N SER E 197 -12.24 -28.56 -18.15
CA SER E 197 -11.54 -29.48 -17.25
C SER E 197 -12.41 -30.71 -17.01
N GLY E 198 -11.81 -31.88 -17.18
CA GLY E 198 -12.52 -33.13 -17.04
C GLY E 198 -13.04 -33.74 -18.32
N VAL E 199 -12.72 -33.15 -19.48
CA VAL E 199 -13.15 -33.68 -20.76
C VAL E 199 -11.92 -34.17 -21.52
N PRO E 200 -12.05 -35.17 -22.38
CA PRO E 200 -10.88 -35.68 -23.11
C PRO E 200 -10.35 -34.67 -24.12
N ASP E 201 -9.06 -34.80 -24.43
CA ASP E 201 -8.39 -33.91 -25.37
C ASP E 201 -8.88 -34.09 -26.80
N ARG E 202 -9.62 -35.17 -27.08
CA ARG E 202 -10.07 -35.44 -28.44
C ARG E 202 -11.01 -34.34 -28.95
N PHE E 203 -11.90 -33.84 -28.09
CA PHE E 203 -12.80 -32.77 -28.49
C PHE E 203 -12.01 -31.52 -28.84
N SER E 204 -12.34 -30.91 -29.98
CA SER E 204 -11.66 -29.69 -30.40
C SER E 204 -12.67 -28.74 -31.02
N GLY E 205 -12.37 -27.45 -30.92
CA GLY E 205 -13.21 -26.43 -31.50
C GLY E 205 -12.39 -25.34 -32.13
N SER E 206 -12.89 -24.78 -33.23
CA SER E 206 -12.18 -23.74 -33.95
C SER E 206 -13.19 -22.96 -34.80
N GLY E 207 -12.68 -22.10 -35.67
CA GLY E 207 -13.53 -21.30 -36.52
C GLY E 207 -13.09 -19.86 -36.59
N SER E 208 -13.85 -19.03 -37.31
CA SER E 208 -13.51 -17.63 -37.44
C SER E 208 -14.77 -16.84 -37.79
N GLY E 209 -14.79 -15.57 -37.38
CA GLY E 209 -15.88 -14.68 -37.70
C GLY E 209 -17.24 -15.19 -37.26
N THR E 210 -18.09 -15.50 -38.24
CA THR E 210 -19.43 -15.99 -37.98
C THR E 210 -19.57 -17.50 -38.12
N ALA E 211 -18.48 -18.21 -38.41
CA ALA E 211 -18.52 -19.66 -38.59
C ALA E 211 -17.72 -20.33 -37.50
N PHE E 212 -18.27 -21.41 -36.92
CA PHE E 212 -17.62 -22.15 -35.85
C PHE E 212 -17.78 -23.64 -36.10
N THR E 213 -16.73 -24.40 -35.81
CA THR E 213 -16.73 -25.85 -36.03
C THR E 213 -16.28 -26.56 -34.76
N LEU E 214 -16.94 -27.69 -34.48
CA LEU E 214 -16.60 -28.56 -33.37
C LEU E 214 -16.34 -29.96 -33.92
N THR E 215 -15.13 -30.47 -33.68
CA THR E 215 -14.72 -31.78 -34.20
C THR E 215 -14.45 -32.75 -33.06
N ILE E 216 -14.88 -33.99 -33.25
CA ILE E 216 -14.70 -35.06 -32.28
C ILE E 216 -14.08 -36.25 -33.00
N SER E 217 -13.09 -36.87 -32.36
CA SER E 217 -12.40 -38.02 -32.93
C SER E 217 -12.42 -39.19 -31.97
N ARG E 218 -12.41 -40.40 -32.53
CA ARG E 218 -12.40 -41.66 -31.78
C ARG E 218 -13.59 -41.74 -30.83
N LEU E 219 -14.78 -41.77 -31.44
CA LEU E 219 -16.01 -41.83 -30.68
C LEU E 219 -16.22 -43.22 -30.07
N GLU E 220 -16.79 -43.24 -28.86
CA GLU E 220 -17.26 -44.47 -28.25
C GLU E 220 -18.79 -44.48 -28.24
N ALA E 221 -19.35 -45.53 -27.63
CA ALA E 221 -20.80 -45.67 -27.60
C ALA E 221 -21.47 -44.73 -26.61
N GLU E 222 -20.72 -44.19 -25.66
CA GLU E 222 -21.28 -43.35 -24.61
C GLU E 222 -21.34 -41.87 -24.99
N ASP E 223 -20.82 -41.49 -26.16
CA ASP E 223 -20.89 -40.10 -26.62
C ASP E 223 -22.06 -39.92 -27.61
N VAL E 224 -23.26 -40.04 -27.07
CA VAL E 224 -24.49 -39.83 -27.82
C VAL E 224 -25.30 -38.75 -27.12
N GLY E 225 -25.67 -37.70 -27.84
CA GLY E 225 -26.41 -36.61 -27.24
C GLY E 225 -26.59 -35.47 -28.22
N VAL E 226 -27.00 -34.34 -27.67
CA VAL E 226 -27.29 -33.14 -28.45
C VAL E 226 -26.27 -32.06 -28.09
N TYR E 227 -25.72 -31.41 -29.11
CA TYR E 227 -24.72 -30.36 -28.94
C TYR E 227 -25.34 -29.00 -29.24
N TYR E 228 -25.03 -28.03 -28.38
CA TYR E 228 -25.56 -26.68 -28.51
C TYR E 228 -24.42 -25.68 -28.56
N CYS E 229 -24.58 -24.65 -29.38
CA CYS E 229 -23.63 -23.54 -29.48
C CYS E 229 -24.30 -22.29 -28.95
N MET E 230 -23.62 -21.60 -28.03
CA MET E 230 -24.17 -20.43 -27.35
C MET E 230 -23.19 -19.27 -27.42
N GLN E 231 -23.74 -18.06 -27.54
CA GLN E 231 -22.95 -16.84 -27.57
C GLN E 231 -23.09 -16.10 -26.25
N HIS E 232 -22.02 -15.44 -25.82
CA HIS E 232 -22.01 -14.65 -24.59
C HIS E 232 -21.45 -13.26 -24.87
N LEU E 233 -21.67 -12.75 -26.07
CA LEU E 233 -21.16 -11.43 -26.42
C LEU E 233 -21.92 -10.32 -25.70
N GLU E 234 -23.24 -10.42 -25.63
CA GLU E 234 -24.06 -9.41 -24.99
C GLU E 234 -25.39 -10.00 -24.60
N TYR E 235 -25.96 -9.49 -23.52
CA TYR E 235 -27.28 -9.94 -23.08
C TYR E 235 -28.35 -9.42 -24.04
N PRO E 236 -29.44 -10.19 -24.24
CA PRO E 236 -29.71 -11.50 -23.66
C PRO E 236 -28.92 -12.63 -24.32
N LEU E 237 -28.73 -13.72 -23.59
CA LEU E 237 -28.01 -14.87 -24.11
C LEU E 237 -28.95 -15.73 -24.94
N THR E 238 -28.53 -16.04 -26.16
CA THR E 238 -29.35 -16.82 -27.10
C THR E 238 -28.69 -18.16 -27.35
N PHE E 239 -29.45 -19.23 -27.17
CA PHE E 239 -28.98 -20.59 -27.42
C PHE E 239 -29.25 -20.97 -28.87
N GLY E 240 -28.42 -21.86 -29.39
CA GLY E 240 -28.59 -22.37 -30.74
C GLY E 240 -29.61 -23.50 -30.78
N ALA E 241 -29.74 -24.08 -31.97
CA ALA E 241 -30.64 -25.19 -32.18
C ALA E 241 -29.99 -26.48 -31.65
N GLY E 242 -30.61 -27.62 -31.93
CA GLY E 242 -30.09 -28.89 -31.44
C GLY E 242 -29.70 -29.86 -32.53
N THR E 243 -28.46 -30.33 -32.49
CA THR E 243 -27.96 -31.33 -33.42
C THR E 243 -27.85 -32.67 -32.70
N LYS E 244 -28.52 -33.68 -33.24
CA LYS E 244 -28.59 -35.00 -32.61
C LYS E 244 -27.64 -35.97 -33.29
N LEU E 245 -27.10 -36.90 -32.50
CA LEU E 245 -26.21 -37.94 -33.00
C LEU E 245 -26.79 -39.31 -32.64
N GLU E 246 -26.56 -40.27 -33.52
CA GLU E 246 -27.07 -41.62 -33.36
C GLU E 246 -25.92 -42.63 -33.43
N LEU E 247 -26.08 -43.72 -32.71
CA LEU E 247 -25.06 -44.76 -32.68
C LEU E 247 -25.17 -45.68 -33.89
C S12 F . -17.95 50.08 2.80
N S12 F . -15.53 50.24 2.73
P S12 F . -16.40 49.66 -1.89
OG S12 F . -16.48 50.37 -0.41
C2 S12 F . -18.59 48.21 -1.98
O2 S12 F . -17.19 48.21 -1.86
C3 S12 F . -19.05 46.78 -2.21
O3 S12 F . -17.03 50.56 -2.92
C4 S12 F . -18.84 45.96 -0.95
O4 S12 F . -14.95 49.42 -2.26
C5 S12 F . -20.13 44.39 0.23
C6 S12 F . -19.24 43.25 -0.25
C7 S12 F . -19.84 41.88 0.06
C8 S12 F . -20.65 41.33 -1.11
C9 S12 F . -20.18 41.88 -2.46
CA S12 F . -16.74 50.43 1.95
CB S12 F . -16.70 49.55 0.71
C10 S12 F . -18.66 41.73 -2.63
C11 S12 F . -18.25 40.30 -2.99
O11 S12 F . -18.32 46.22 -3.27
C12 S12 F . -18.91 39.28 -2.07
C13 S12 F . -17.88 38.35 -1.42
C14 S12 F . -18.29 37.36 -0.66
O51 S12 F . -20.86 44.23 1.15
O52 S12 F . -20.09 45.63 -0.42
O S12 F . -17.83 49.26 3.75
OXT S12 F . -19.07 50.59 2.55
C15 S12 F . -19.78 37.13 -0.43
C16 S12 F . -20.28 35.84 -1.07
C17 S12 F . -19.19 34.76 -1.12
C18 S12 F . -19.00 34.08 0.24
C19 S12 F . -18.49 32.65 0.10
C20 S12 F . -19.00 31.73 1.21
C21 S12 F . -20.53 31.79 1.34
C22 S12 F . -21.22 30.77 0.46
#